data_3UXM
#
_entry.id   3UXM
#
_cell.length_a   73.877
_cell.length_b   41.544
_cell.length_c   117.886
_cell.angle_alpha   90.00
_cell.angle_beta   90.02
_cell.angle_gamma   90.00
#
_symmetry.space_group_name_H-M   'P 1 2 1'
#
loop_
_entity.id
_entity.type
_entity.pdbx_description
1 polymer 'Thymidylate kinase'
2 non-polymer 'MAGNESIUM ION'
3 non-polymer "5'-deoxy-5'-fluorothymidine"
4 water water
#
_entity_poly.entity_id   1
_entity_poly.type   'polypeptide(L)'
_entity_poly.pdbx_seq_one_letter_code
;TGLFVTLEGPEGAGKSTNRDYLAERLRERGIEVQLTREPGGTPLAERIRELLLAPSDEPMAADTELLLMFAARAQHLAGV
IRPALARGAVVLCDRFTDATYAYQGGGRGLPEARIAALESFVQGDLRPDLTLVFDLPVEIGLARAAARGRLDRFEQEDRR
FFEAVRQTYLQRAAQAPERYQVLDAGLPLAEVQAGLDRLLPNLLERLNGGS
;
_entity_poly.pdbx_strand_id   A,B,C,D
#
loop_
_chem_comp.id
_chem_comp.type
_chem_comp.name
_chem_comp.formula
0DN non-polymer 5'-deoxy-5'-fluorothymidine 'C10 H13 F N2 O4'
MG non-polymer 'MAGNESIUM ION' 'Mg 2'
#
# COMPACT_ATOMS: atom_id res chain seq x y z
N GLY A 2 9.65 -4.88 -8.56
CA GLY A 2 8.36 -5.64 -8.39
C GLY A 2 8.17 -5.97 -6.92
N LEU A 3 7.31 -6.93 -6.62
CA LEU A 3 7.02 -7.24 -5.23
C LEU A 3 6.89 -8.74 -5.05
N PHE A 4 7.52 -9.23 -4.00
CA PHE A 4 7.57 -10.64 -3.69
C PHE A 4 6.59 -10.93 -2.57
N VAL A 5 5.44 -11.50 -2.92
CA VAL A 5 4.41 -11.82 -1.94
C VAL A 5 4.25 -13.33 -1.82
N THR A 6 4.27 -13.87 -0.59
CA THR A 6 4.05 -15.31 -0.44
C THR A 6 2.77 -15.54 0.39
N LEU A 7 2.13 -16.68 0.15
CA LEU A 7 0.91 -17.04 0.82
C LEU A 7 1.20 -18.33 1.55
N GLU A 8 0.85 -18.37 2.84
CA GLU A 8 1.18 -19.52 3.67
C GLU A 8 -0.05 -19.91 4.49
N GLY A 9 0.02 -21.07 5.12
CA GLY A 9 -0.81 -21.30 6.31
C GLY A 9 -0.86 -22.77 6.65
N PRO A 10 -1.59 -23.12 7.74
CA PRO A 10 -1.81 -24.55 8.00
C PRO A 10 -2.19 -25.35 6.72
N GLU A 11 -1.85 -26.64 6.70
CA GLU A 11 -2.26 -27.56 5.62
C GLU A 11 -3.74 -27.45 5.25
N GLY A 12 -4.05 -27.15 3.98
CA GLY A 12 -5.42 -26.85 3.57
C GLY A 12 -5.70 -25.38 3.35
N THR A 17 -7.74 -20.25 -3.92
CA THR A 17 -8.98 -19.50 -4.20
C THR A 17 -8.84 -17.99 -3.93
N ASN A 18 -8.26 -17.69 -2.77
CA ASN A 18 -8.00 -16.33 -2.37
C ASN A 18 -6.98 -15.71 -3.32
N ARG A 19 -5.98 -16.51 -3.71
CA ARG A 19 -4.94 -16.03 -4.63
C ARG A 19 -5.41 -15.48 -5.99
N ASP A 20 -6.37 -16.16 -6.61
CA ASP A 20 -6.98 -15.66 -7.83
C ASP A 20 -7.68 -14.32 -7.66
N TYR A 21 -8.34 -14.14 -6.53
CA TYR A 21 -9.06 -12.90 -6.27
C TYR A 21 -7.99 -11.81 -6.15
N LEU A 22 -6.96 -12.08 -5.34
CA LEU A 22 -5.91 -11.08 -5.14
C LEU A 22 -5.21 -10.70 -6.47
N ALA A 23 -4.91 -11.70 -7.30
CA ALA A 23 -4.23 -11.44 -8.57
C ALA A 23 -5.07 -10.54 -9.45
N GLU A 24 -6.39 -10.74 -9.46
CA GLU A 24 -7.24 -9.98 -10.39
C GLU A 24 -7.36 -8.55 -9.87
N ARG A 25 -7.38 -8.36 -8.55
CA ARG A 25 -7.32 -6.99 -7.98
C ARG A 25 -6.07 -6.27 -8.47
N LEU A 26 -4.93 -6.97 -8.45
CA LEU A 26 -3.71 -6.39 -9.02
C LEU A 26 -3.72 -6.13 -10.51
N ARG A 27 -4.18 -7.12 -11.29
CA ARG A 27 -4.21 -6.99 -12.74
C ARG A 27 -5.10 -5.81 -13.16
N GLU A 28 -6.23 -5.65 -12.49
CA GLU A 28 -7.16 -4.51 -12.73
C GLU A 28 -6.46 -3.18 -12.63
N ARG A 29 -5.46 -3.15 -11.75
CA ARG A 29 -4.81 -1.93 -11.32
C ARG A 29 -3.53 -1.78 -12.16
N GLY A 30 -3.51 -2.52 -13.27
CA GLY A 30 -2.51 -2.40 -14.29
C GLY A 30 -1.18 -3.01 -13.86
N ILE A 31 -1.21 -3.94 -12.93
CA ILE A 31 0.04 -4.57 -12.46
C ILE A 31 0.20 -5.95 -13.12
N GLU A 32 1.41 -6.27 -13.56
CA GLU A 32 1.72 -7.62 -13.96
C GLU A 32 1.85 -8.55 -12.75
N VAL A 33 1.18 -9.69 -12.82
CA VAL A 33 1.11 -10.64 -11.71
C VAL A 33 1.76 -11.94 -12.17
N GLN A 34 2.68 -12.47 -11.37
CA GLN A 34 3.22 -13.80 -11.64
C GLN A 34 2.76 -14.80 -10.57
N LEU A 35 1.91 -15.74 -10.97
CA LEU A 35 1.42 -16.78 -10.05
C LEU A 35 2.39 -17.96 -10.08
N THR A 36 2.72 -18.49 -8.91
CA THR A 36 3.59 -19.62 -8.85
C THR A 36 3.46 -20.29 -7.52
N ARG A 37 4.18 -21.39 -7.31
CA ARG A 37 4.01 -22.24 -6.09
C ARG A 37 5.30 -23.03 -5.79
N GLU A 38 5.46 -23.41 -4.53
CA GLU A 38 6.60 -24.24 -4.10
C GLU A 38 6.08 -25.42 -3.22
N PRO A 39 6.83 -26.53 -3.18
CA PRO A 39 7.92 -26.74 -4.14
C PRO A 39 7.35 -26.94 -5.55
N GLY A 40 8.08 -26.54 -6.60
CA GLY A 40 7.44 -26.38 -7.89
C GLY A 40 7.80 -25.13 -8.68
N GLY A 41 7.04 -24.91 -9.74
CA GLY A 41 7.01 -23.63 -10.46
C GLY A 41 7.89 -23.62 -11.71
N THR A 42 8.73 -24.66 -11.85
CA THR A 42 9.43 -24.90 -13.14
C THR A 42 9.40 -26.43 -13.37
N PRO A 43 9.68 -26.93 -14.61
CA PRO A 43 9.58 -28.39 -14.83
C PRO A 43 10.46 -29.23 -13.87
N LEU A 44 11.72 -28.85 -13.71
CA LEU A 44 12.62 -29.52 -12.76
C LEU A 44 12.07 -29.40 -11.33
N ALA A 45 11.67 -28.18 -10.93
CA ALA A 45 11.20 -28.00 -9.55
C ALA A 45 9.97 -28.89 -9.31
N GLU A 46 9.13 -29.08 -10.34
CA GLU A 46 7.87 -29.86 -10.19
C GLU A 46 8.20 -31.36 -10.13
N ARG A 47 9.29 -31.76 -10.80
CA ARG A 47 9.85 -33.12 -10.56
C ARG A 47 10.35 -33.33 -9.14
N ILE A 48 11.06 -32.36 -8.58
CA ILE A 48 11.26 -32.36 -7.14
C ILE A 48 10.08 -32.35 -6.21
N ARG A 49 9.12 -31.44 -6.43
CA ARG A 49 7.76 -31.60 -5.90
C ARG A 49 7.24 -33.02 -5.79
N GLU A 50 7.19 -33.71 -6.91
CA GLU A 50 6.55 -35.03 -6.98
C GLU A 50 7.29 -36.06 -6.09
N LEU A 51 8.61 -35.99 -6.03
CA LEU A 51 9.41 -36.83 -5.09
C LEU A 51 9.17 -36.54 -3.61
N LEU A 52 9.00 -35.24 -3.30
CA LEU A 52 8.61 -34.79 -1.95
C LEU A 52 7.22 -35.19 -1.46
N LEU A 53 6.25 -35.18 -2.36
CA LEU A 53 4.85 -35.41 -1.96
C LEU A 53 4.40 -36.89 -2.00
N ALA A 54 5.15 -37.73 -2.72
CA ALA A 54 4.77 -39.15 -2.85
C ALA A 54 4.93 -39.91 -1.56
N PRO A 55 3.91 -40.72 -1.20
CA PRO A 55 3.97 -41.56 0.01
C PRO A 55 4.72 -42.86 -0.23
N SER A 56 6.02 -42.71 -0.43
CA SER A 56 6.82 -43.72 -1.05
C SER A 56 7.18 -44.77 0.00
N ASP A 57 7.44 -45.99 -0.46
CA ASP A 57 7.66 -47.14 0.40
C ASP A 57 8.95 -46.89 1.20
N GLU A 58 9.93 -46.24 0.58
CA GLU A 58 11.14 -45.82 1.29
C GLU A 58 10.90 -44.48 1.98
N PRO A 59 10.94 -44.46 3.31
CA PRO A 59 10.74 -43.22 4.06
C PRO A 59 11.87 -42.22 3.73
N MET A 60 11.51 -40.99 3.41
CA MET A 60 12.52 -40.01 3.02
C MET A 60 13.24 -39.48 4.27
N ALA A 61 14.59 -39.50 4.30
CA ALA A 61 15.29 -38.95 5.47
C ALA A 61 14.92 -37.46 5.63
N ALA A 62 14.84 -36.95 6.87
CA ALA A 62 14.52 -35.50 7.11
C ALA A 62 15.49 -34.53 6.44
N ASP A 63 16.79 -34.83 6.50
CA ASP A 63 17.76 -33.95 5.82
C ASP A 63 17.59 -33.97 4.29
N THR A 64 17.28 -35.14 3.73
CA THR A 64 16.86 -35.24 2.32
C THR A 64 15.68 -34.34 1.98
N GLU A 65 14.67 -34.40 2.80
CA GLU A 65 13.47 -33.59 2.58
C GLU A 65 13.82 -32.09 2.62
N LEU A 66 14.63 -31.68 3.59
CA LEU A 66 15.00 -30.26 3.67
C LEU A 66 15.82 -29.79 2.43
N LEU A 67 16.81 -30.58 2.07
CA LEU A 67 17.64 -30.33 0.88
C LEU A 67 16.91 -30.26 -0.42
N LEU A 68 15.97 -31.17 -0.62
CA LEU A 68 15.15 -31.14 -1.81
C LEU A 68 14.21 -29.93 -1.83
N MET A 69 13.63 -29.55 -0.71
CA MET A 69 12.83 -28.31 -0.68
C MET A 69 13.66 -27.13 -1.13
N PHE A 70 14.87 -26.99 -0.59
CA PHE A 70 15.79 -25.93 -1.02
C PHE A 70 16.35 -26.02 -2.45
N ALA A 71 16.56 -27.24 -2.96
CA ALA A 71 16.96 -27.46 -4.37
C ALA A 71 15.85 -27.03 -5.34
N ALA A 72 14.59 -27.43 -5.06
CA ALA A 72 13.48 -26.88 -5.86
C ALA A 72 13.40 -25.32 -5.76
N ARG A 73 13.58 -24.78 -4.55
CA ARG A 73 13.61 -23.31 -4.32
C ARG A 73 14.72 -22.60 -5.11
N ALA A 74 15.95 -23.09 -5.02
CA ALA A 74 17.01 -22.63 -5.92
C ALA A 74 16.65 -22.54 -7.41
N GLN A 75 16.04 -23.59 -7.96
CA GLN A 75 15.73 -23.60 -9.40
C GLN A 75 14.66 -22.55 -9.72
N HIS A 76 13.68 -22.45 -8.83
CA HIS A 76 12.47 -21.63 -9.02
C HIS A 76 12.87 -20.12 -8.91
N LEU A 77 13.74 -19.82 -7.97
CA LEU A 77 14.27 -18.49 -7.78
C LEU A 77 14.97 -18.00 -9.04
N ALA A 78 15.80 -18.87 -9.61
CA ALA A 78 16.52 -18.60 -10.86
C ALA A 78 15.62 -18.46 -12.09
N GLY A 79 14.75 -19.43 -12.30
CA GLY A 79 13.92 -19.48 -13.47
C GLY A 79 12.67 -18.63 -13.45
N VAL A 80 12.16 -18.27 -12.26
CA VAL A 80 10.81 -17.68 -12.18
C VAL A 80 10.84 -16.44 -11.29
N ILE A 81 11.21 -16.60 -10.03
CA ILE A 81 11.03 -15.50 -9.12
C ILE A 81 11.90 -14.27 -9.46
N ARG A 82 13.22 -14.46 -9.57
CA ARG A 82 14.09 -13.29 -9.80
C ARG A 82 13.78 -12.56 -11.13
N PRO A 83 13.61 -13.32 -12.22
CA PRO A 83 13.14 -12.70 -13.47
C PRO A 83 11.83 -11.91 -13.33
N ALA A 84 10.84 -12.43 -12.64
CA ALA A 84 9.58 -11.70 -12.46
C ALA A 84 9.78 -10.39 -11.68
N LEU A 85 10.47 -10.48 -10.55
CA LEU A 85 10.74 -9.28 -9.77
C LEU A 85 11.45 -8.23 -10.65
N ALA A 86 12.27 -8.71 -11.57
CA ALA A 86 13.21 -7.87 -12.31
C ALA A 86 12.44 -7.06 -13.35
N ARG A 87 11.41 -7.66 -13.94
CA ARG A 87 10.59 -6.91 -14.87
C ARG A 87 9.43 -6.18 -14.19
N GLY A 88 9.42 -6.17 -12.87
CA GLY A 88 8.46 -5.35 -12.13
C GLY A 88 7.15 -6.04 -11.83
N ALA A 89 7.10 -7.37 -11.92
CA ALA A 89 5.87 -8.13 -11.62
C ALA A 89 5.62 -8.24 -10.09
N VAL A 90 4.36 -8.35 -9.68
CA VAL A 90 4.10 -8.87 -8.33
C VAL A 90 4.07 -10.41 -8.48
N VAL A 91 4.98 -11.08 -7.79
CA VAL A 91 4.94 -12.53 -7.65
C VAL A 91 3.98 -12.87 -6.49
N LEU A 92 2.99 -13.75 -6.74
CA LEU A 92 2.14 -14.29 -5.66
C LEU A 92 2.50 -15.76 -5.60
N CYS A 93 3.34 -16.10 -4.67
CA CYS A 93 3.89 -17.45 -4.67
C CYS A 93 3.13 -18.24 -3.63
N ASP A 94 2.58 -19.39 -3.98
CA ASP A 94 1.93 -20.31 -3.01
C ASP A 94 2.96 -21.11 -2.22
N ARG A 95 3.28 -20.65 -1.00
CA ARG A 95 4.30 -21.27 -0.10
C ARG A 95 5.73 -20.99 -0.48
N PHE A 96 6.57 -20.84 0.55
CA PHE A 96 7.99 -20.43 0.37
C PHE A 96 8.74 -20.82 1.66
N THR A 97 9.80 -20.12 2.03
CA THR A 97 10.64 -20.59 3.14
C THR A 97 9.99 -20.57 4.51
N ASP A 98 8.92 -19.80 4.69
CA ASP A 98 8.17 -19.91 5.95
C ASP A 98 7.59 -21.28 6.15
N ALA A 99 7.09 -21.86 5.06
CA ALA A 99 6.60 -23.23 5.08
C ALA A 99 7.70 -24.20 5.46
N THR A 100 8.94 -23.89 5.06
CA THR A 100 10.08 -24.74 5.46
C THR A 100 10.26 -24.62 6.96
N TYR A 101 10.16 -23.41 7.49
CA TYR A 101 10.27 -23.23 8.93
C TYR A 101 9.15 -23.99 9.68
N ALA A 102 7.95 -23.98 9.10
CA ALA A 102 6.76 -24.57 9.73
C ALA A 102 6.72 -26.10 9.61
N TYR A 103 6.88 -26.61 8.39
CA TYR A 103 6.85 -28.04 8.12
C TYR A 103 8.10 -28.79 8.54
N GLN A 104 9.25 -28.35 8.05
CA GLN A 104 10.54 -29.01 8.31
C GLN A 104 11.08 -28.65 9.69
N GLY A 105 10.85 -27.43 10.18
CA GLY A 105 11.25 -27.07 11.55
C GLY A 105 10.23 -27.45 12.62
N GLY A 106 9.09 -26.75 12.67
CA GLY A 106 8.00 -27.17 13.57
C GLY A 106 7.53 -28.62 13.48
N GLY A 107 7.03 -29.03 12.33
CA GLY A 107 6.46 -30.35 12.17
C GLY A 107 7.48 -31.50 12.25
N ARG A 108 8.59 -31.37 11.52
CA ARG A 108 9.52 -32.49 11.35
C ARG A 108 10.50 -32.53 12.51
N GLY A 109 10.66 -31.39 13.19
CA GLY A 109 11.69 -31.19 14.20
C GLY A 109 13.12 -30.84 13.79
N LEU A 110 13.36 -30.42 12.55
CA LEU A 110 14.74 -29.99 12.26
C LEU A 110 15.08 -28.65 12.95
N PRO A 111 16.38 -28.45 13.33
CA PRO A 111 16.76 -27.17 13.93
C PRO A 111 16.48 -25.97 13.02
N GLU A 112 15.85 -24.93 13.59
CA GLU A 112 15.65 -23.65 12.90
C GLU A 112 16.99 -23.20 12.29
N ALA A 113 18.08 -23.40 13.02
CA ALA A 113 19.40 -23.03 12.49
C ALA A 113 19.81 -23.70 11.16
N ARG A 114 19.38 -24.94 10.92
CA ARG A 114 19.77 -25.61 9.70
C ARG A 114 19.00 -25.00 8.56
N ILE A 115 17.74 -24.68 8.83
CA ILE A 115 16.91 -24.03 7.82
C ILE A 115 17.44 -22.61 7.51
N ALA A 116 17.81 -21.88 8.57
CA ALA A 116 18.32 -20.51 8.34
C ALA A 116 19.58 -20.51 7.47
N ALA A 117 20.45 -21.48 7.68
CA ALA A 117 21.72 -21.53 6.93
C ALA A 117 21.48 -21.83 5.44
N LEU A 118 20.54 -22.74 5.15
CA LEU A 118 20.12 -22.98 3.76
C LEU A 118 19.39 -21.81 3.13
N GLU A 119 18.56 -21.14 3.93
CA GLU A 119 17.79 -19.97 3.42
C GLU A 119 18.78 -18.93 2.88
N SER A 120 19.78 -18.60 3.68
CA SER A 120 20.80 -17.66 3.31
C SER A 120 21.64 -18.16 2.11
N PHE A 121 22.01 -19.43 2.12
CA PHE A 121 22.83 -19.98 1.03
C PHE A 121 22.06 -19.85 -0.29
N VAL A 122 20.81 -20.26 -0.28
CA VAL A 122 20.03 -20.32 -1.52
C VAL A 122 19.53 -18.91 -1.98
N GLN A 123 19.13 -18.09 -1.01
CA GLN A 123 18.39 -16.85 -1.35
C GLN A 123 19.21 -15.57 -1.30
N GLY A 124 20.40 -15.63 -0.72
CA GLY A 124 21.18 -14.40 -0.52
C GLY A 124 20.39 -13.56 0.46
N ASP A 125 20.17 -12.29 0.13
CA ASP A 125 19.33 -11.40 0.93
C ASP A 125 17.87 -11.33 0.49
N LEU A 126 17.48 -12.10 -0.52
CA LEU A 126 16.10 -12.08 -1.01
C LEU A 126 15.13 -12.68 0.02
N ARG A 127 14.21 -11.86 0.53
CA ARG A 127 13.12 -12.36 1.38
C ARG A 127 11.80 -11.89 0.78
N PRO A 128 10.68 -12.56 1.11
CA PRO A 128 9.40 -12.01 0.69
C PRO A 128 9.20 -10.61 1.24
N ASP A 129 8.57 -9.74 0.44
CA ASP A 129 8.26 -8.37 0.91
C ASP A 129 7.06 -8.40 1.86
N LEU A 130 6.17 -9.35 1.64
CA LEU A 130 4.96 -9.48 2.46
C LEU A 130 4.53 -10.94 2.45
N THR A 131 4.16 -11.48 3.60
CA THR A 131 3.72 -12.85 3.70
C THR A 131 2.34 -12.87 4.33
N LEU A 132 1.38 -13.41 3.60
CA LEU A 132 -0.02 -13.57 4.04
C LEU A 132 -0.14 -14.95 4.67
N VAL A 133 -0.51 -14.99 5.93
CA VAL A 133 -0.67 -16.27 6.61
C VAL A 133 -2.18 -16.53 6.73
N PHE A 134 -2.66 -17.58 6.08
CA PHE A 134 -4.07 -17.95 6.16
C PHE A 134 -4.30 -18.91 7.32
N ASP A 135 -4.67 -18.35 8.48
CA ASP A 135 -4.73 -19.14 9.69
C ASP A 135 -6.10 -19.76 9.89
N LEU A 136 -6.11 -21.02 10.33
CA LEU A 136 -7.34 -21.69 10.66
C LEU A 136 -7.07 -22.96 11.45
N PRO A 137 -8.10 -23.50 12.13
CA PRO A 137 -7.92 -24.72 12.90
C PRO A 137 -7.47 -25.88 12.08
N VAL A 138 -6.57 -26.62 12.68
CA VAL A 138 -5.93 -27.70 12.02
C VAL A 138 -6.91 -28.63 11.30
N GLU A 139 -8.01 -29.00 11.95
CA GLU A 139 -8.84 -30.05 11.37
C GLU A 139 -9.71 -29.57 10.19
N ILE A 140 -10.11 -28.30 10.24
CA ILE A 140 -10.68 -27.59 9.09
C ILE A 140 -9.79 -27.60 7.84
N GLY A 141 -8.49 -27.36 8.04
CA GLY A 141 -7.57 -27.34 6.93
C GLY A 141 -7.50 -28.69 6.26
N LEU A 142 -7.31 -29.72 7.09
CA LEU A 142 -7.21 -31.10 6.61
C LEU A 142 -8.43 -31.54 5.83
N ALA A 143 -9.62 -31.23 6.35
CA ALA A 143 -10.86 -31.50 5.63
C ALA A 143 -10.74 -30.96 4.20
N ARG A 144 -10.29 -29.70 4.08
CA ARG A 144 -9.83 -29.17 2.82
C ARG A 144 -8.36 -29.52 2.53
N ARG A 150 -6.59 -38.05 -3.20
CA ARG A 150 -5.99 -38.88 -2.13
C ARG A 150 -4.94 -38.05 -1.39
N LEU A 151 -4.52 -38.50 -0.21
CA LEU A 151 -3.66 -37.69 0.66
C LEU A 151 -2.19 -37.83 0.29
N ASP A 152 -1.46 -36.71 0.21
CA ASP A 152 -0.01 -36.82 -0.06
C ASP A 152 0.76 -37.04 1.25
N ARG A 153 2.09 -37.15 1.16
CA ARG A 153 2.91 -37.60 2.29
C ARG A 153 2.81 -36.62 3.46
N PHE A 154 2.66 -35.34 3.14
CA PHE A 154 2.48 -34.34 4.17
C PHE A 154 1.06 -34.32 4.70
N GLU A 155 0.07 -34.40 3.83
CA GLU A 155 -1.31 -34.52 4.27
C GLU A 155 -1.63 -35.74 5.18
N GLN A 156 -0.82 -36.78 5.10
CA GLN A 156 -1.07 -38.00 5.89
C GLN A 156 -0.54 -37.87 7.30
N GLU A 157 0.02 -36.70 7.62
CA GLU A 157 0.69 -36.46 8.89
C GLU A 157 -0.20 -36.46 10.13
N ASP A 158 0.42 -36.57 11.30
CA ASP A 158 -0.35 -36.65 12.57
C ASP A 158 -0.70 -35.26 13.08
N ARG A 159 -1.55 -35.17 14.11
N ARG A 159 -1.52 -35.23 14.13
CA ARG A 159 -2.10 -33.89 14.49
CA ARG A 159 -2.14 -34.00 14.62
C ARG A 159 -1.08 -32.95 15.08
C ARG A 159 -1.12 -33.00 15.10
N ARG A 160 -0.13 -33.50 15.81
CA ARG A 160 0.83 -32.64 16.47
C ARG A 160 1.67 -31.94 15.38
N PHE A 161 2.01 -32.68 14.34
CA PHE A 161 2.74 -32.13 13.19
C PHE A 161 2.01 -30.87 12.65
N PHE A 162 0.73 -31.02 12.36
CA PHE A 162 -0.06 -29.92 11.82
C PHE A 162 -0.22 -28.81 12.84
N GLU A 163 -0.32 -29.14 14.12
CA GLU A 163 -0.47 -28.10 15.13
C GLU A 163 0.83 -27.27 15.19
N ALA A 164 1.96 -27.96 15.06
CA ALA A 164 3.27 -27.32 15.16
C ALA A 164 3.45 -26.43 13.90
N VAL A 165 2.91 -26.87 12.78
CA VAL A 165 2.93 -26.05 11.55
C VAL A 165 2.17 -24.75 11.78
N ARG A 166 0.92 -24.87 12.23
CA ARG A 166 0.10 -23.70 12.51
C ARG A 166 0.84 -22.73 13.44
N GLN A 167 1.38 -23.25 14.54
CA GLN A 167 1.96 -22.42 15.57
C GLN A 167 3.23 -21.77 15.12
N THR A 168 4.05 -22.51 14.35
CA THR A 168 5.25 -21.89 13.77
C THR A 168 4.97 -20.67 12.90
N TYR A 169 3.96 -20.77 12.02
CA TYR A 169 3.57 -19.60 11.26
C TYR A 169 3.12 -18.40 12.10
N LEU A 170 2.30 -18.65 13.14
CA LEU A 170 1.89 -17.55 14.02
C LEU A 170 3.10 -16.92 14.74
N GLN A 171 4.04 -17.76 15.12
CA GLN A 171 5.20 -17.27 15.85
C GLN A 171 6.09 -16.40 14.97
N ARG A 172 6.30 -16.83 13.74
CA ARG A 172 7.20 -16.10 12.85
C ARG A 172 6.61 -14.72 12.48
N ALA A 173 5.28 -14.70 12.36
CA ALA A 173 4.54 -13.49 12.04
C ALA A 173 4.60 -12.53 13.22
N ALA A 174 4.47 -13.08 14.43
CA ALA A 174 4.48 -12.29 15.66
C ALA A 174 5.83 -11.60 15.83
N GLN A 175 6.89 -12.30 15.45
CA GLN A 175 8.25 -11.81 15.60
C GLN A 175 8.76 -10.82 14.54
N ALA A 176 8.13 -10.79 13.37
CA ALA A 176 8.49 -9.78 12.36
C ALA A 176 7.23 -9.19 11.72
N PRO A 177 6.39 -8.53 12.54
CA PRO A 177 5.02 -8.16 12.18
C PRO A 177 4.97 -7.32 10.92
N GLU A 178 6.00 -6.52 10.67
CA GLU A 178 6.07 -5.69 9.47
C GLU A 178 6.05 -6.50 8.17
N ARG A 179 6.44 -7.77 8.24
CA ARG A 179 6.56 -8.58 6.99
C ARG A 179 5.34 -9.45 6.72
N TYR A 180 4.46 -9.58 7.71
CA TYR A 180 3.38 -10.53 7.69
C TYR A 180 2.02 -9.86 7.89
N GLN A 181 1.00 -10.38 7.21
CA GLN A 181 -0.39 -10.19 7.66
C GLN A 181 -1.02 -11.55 7.88
N VAL A 182 -1.60 -11.77 9.06
CA VAL A 182 -2.39 -12.99 9.34
C VAL A 182 -3.87 -12.76 9.10
N LEU A 183 -4.48 -13.62 8.29
CA LEU A 183 -5.91 -13.54 8.00
C LEU A 183 -6.57 -14.72 8.65
N ASP A 184 -7.80 -14.51 9.12
CA ASP A 184 -8.65 -15.61 9.53
C ASP A 184 -9.28 -16.37 8.35
N ALA A 185 -8.70 -17.52 7.99
CA ALA A 185 -9.09 -18.28 6.80
C ALA A 185 -10.28 -19.22 7.06
N GLY A 186 -10.69 -19.31 8.32
CA GLY A 186 -11.91 -20.01 8.73
C GLY A 186 -13.21 -19.23 8.52
N LEU A 187 -13.11 -17.94 8.25
CA LEU A 187 -14.26 -17.08 7.97
C LEU A 187 -14.94 -17.42 6.64
N PRO A 188 -16.24 -17.07 6.48
CA PRO A 188 -16.84 -17.25 5.17
C PRO A 188 -16.06 -16.52 4.07
N LEU A 189 -16.20 -17.03 2.85
CA LEU A 189 -15.40 -16.59 1.73
C LEU A 189 -15.50 -15.10 1.56
N ALA A 190 -16.73 -14.56 1.58
CA ALA A 190 -16.87 -13.11 1.37
C ALA A 190 -16.07 -12.32 2.40
N GLU A 191 -16.05 -12.78 3.65
CA GLU A 191 -15.22 -12.12 4.64
C GLU A 191 -13.71 -12.21 4.39
N VAL A 192 -13.25 -13.36 3.92
CA VAL A 192 -11.84 -13.53 3.58
C VAL A 192 -11.41 -12.61 2.42
N GLN A 193 -12.26 -12.52 1.40
CA GLN A 193 -12.06 -11.56 0.29
C GLN A 193 -12.04 -10.10 0.80
N ALA A 194 -12.92 -9.75 1.73
CA ALA A 194 -12.86 -8.42 2.30
C ALA A 194 -11.54 -8.13 3.02
N GLY A 195 -11.00 -9.11 3.71
CA GLY A 195 -9.68 -8.95 4.32
C GLY A 195 -8.62 -8.76 3.24
N LEU A 196 -8.72 -9.46 2.12
CA LEU A 196 -7.81 -9.23 0.98
C LEU A 196 -7.95 -7.80 0.45
N ASP A 197 -9.17 -7.36 0.22
CA ASP A 197 -9.36 -5.95 -0.20
C ASP A 197 -8.76 -5.00 0.84
N ARG A 198 -8.91 -5.27 2.13
CA ARG A 198 -8.37 -4.34 3.15
C ARG A 198 -6.85 -4.21 3.15
N LEU A 199 -6.16 -5.18 2.54
CA LEU A 199 -4.71 -5.21 2.61
C LEU A 199 -4.04 -4.65 1.34
N LEU A 200 -4.85 -4.39 0.31
CA LEU A 200 -4.37 -3.85 -0.95
C LEU A 200 -3.69 -2.46 -0.90
N PRO A 201 -4.26 -1.50 -0.14
CA PRO A 201 -3.55 -0.21 -0.07
C PRO A 201 -2.10 -0.36 0.40
N ASN A 202 -1.87 -1.15 1.44
CA ASN A 202 -0.50 -1.43 1.80
C ASN A 202 0.40 -2.00 0.66
N LEU A 203 -0.16 -2.82 -0.22
CA LEU A 203 0.63 -3.39 -1.32
C LEU A 203 0.94 -2.38 -2.40
N LEU A 204 -0.08 -1.67 -2.82
CA LEU A 204 0.10 -0.66 -3.81
C LEU A 204 1.21 0.27 -3.33
N GLU A 205 1.41 0.27 -2.02
CA GLU A 205 2.32 1.19 -1.34
C GLU A 205 3.74 0.62 -1.12
N ARG A 206 3.84 -0.64 -0.70
CA ARG A 206 5.14 -1.35 -0.66
C ARG A 206 5.72 -1.41 -2.08
N LEU A 207 4.83 -1.20 -3.06
CA LEU A 207 5.17 -1.23 -4.48
C LEU A 207 5.29 0.21 -5.01
N THR B 1 10.94 -0.46 14.22
CA THR B 1 10.32 0.87 13.84
C THR B 1 11.28 2.06 13.58
N GLY B 2 12.56 1.91 13.91
CA GLY B 2 13.58 2.90 13.57
C GLY B 2 14.20 2.64 12.21
N LEU B 3 15.31 3.29 11.92
CA LEU B 3 15.94 3.05 10.64
C LEU B 3 17.43 2.83 10.84
N PHE B 4 18.00 1.90 10.08
CA PHE B 4 19.37 1.44 10.28
C PHE B 4 20.14 1.81 9.00
N VAL B 5 20.95 2.87 9.10
CA VAL B 5 21.71 3.42 8.00
C VAL B 5 23.20 3.17 8.27
N THR B 6 23.92 2.67 7.26
CA THR B 6 25.35 2.45 7.43
C THR B 6 26.08 3.33 6.44
N LEU B 7 27.32 3.68 6.78
CA LEU B 7 28.17 4.48 5.95
C LEU B 7 29.44 3.66 5.76
N GLU B 8 29.88 3.60 4.52
CA GLU B 8 31.07 2.81 4.15
C GLU B 8 32.01 3.70 3.36
N GLY B 9 33.31 3.50 3.53
CA GLY B 9 34.26 4.21 2.67
C GLY B 9 35.48 4.63 3.49
N PRO B 10 36.50 5.20 2.83
CA PRO B 10 37.70 5.60 3.59
C PRO B 10 37.52 6.78 4.58
N GLU B 11 38.38 6.85 5.59
CA GLU B 11 38.46 8.01 6.49
C GLU B 11 38.70 9.35 5.81
N GLY B 12 39.39 9.35 4.68
CA GLY B 12 39.58 10.59 3.94
C GLY B 12 38.41 11.15 3.14
N ALA B 13 37.22 10.57 3.28
CA ALA B 13 36.21 10.78 2.24
C ALA B 13 35.10 11.70 2.69
N GLY B 14 35.23 12.26 3.89
CA GLY B 14 34.24 13.17 4.44
C GLY B 14 33.12 12.42 5.16
N LYS B 15 33.36 11.16 5.48
CA LYS B 15 32.29 10.25 5.93
C LYS B 15 31.72 10.79 7.25
N SER B 16 32.61 11.20 8.14
CA SER B 16 32.20 11.59 9.45
C SER B 16 31.56 13.00 9.47
N THR B 17 32.06 13.92 8.67
CA THR B 17 31.42 15.23 8.58
C THR B 17 30.02 15.12 7.96
N ASN B 18 29.88 14.25 6.96
CA ASN B 18 28.56 14.00 6.36
C ASN B 18 27.57 13.27 7.26
N ARG B 19 28.10 12.36 8.08
CA ARG B 19 27.28 11.74 9.11
C ARG B 19 26.74 12.78 10.08
N ASP B 20 27.63 13.66 10.53
CA ASP B 20 27.24 14.82 11.32
C ASP B 20 26.16 15.65 10.62
N TYR B 21 26.33 15.85 9.32
CA TYR B 21 25.39 16.70 8.54
C TYR B 21 24.02 16.04 8.55
N LEU B 22 24.00 14.76 8.24
CA LEU B 22 22.78 13.99 8.18
C LEU B 22 22.10 13.91 9.56
N ALA B 23 22.88 13.64 10.59
CA ALA B 23 22.35 13.62 11.96
C ALA B 23 21.64 14.96 12.33
N GLU B 24 22.20 16.10 11.91
CA GLU B 24 21.57 17.39 12.25
C GLU B 24 20.25 17.52 11.54
N ARG B 25 20.20 17.15 10.26
CA ARG B 25 18.92 17.17 9.50
C ARG B 25 17.82 16.32 10.18
N LEU B 26 18.22 15.17 10.67
CA LEU B 26 17.29 14.31 11.38
C LEU B 26 16.90 14.85 12.76
N ARG B 27 17.87 15.28 13.55
CA ARG B 27 17.55 15.78 14.87
C ARG B 27 16.68 17.03 14.84
N GLU B 28 16.83 17.89 13.82
CA GLU B 28 15.92 19.07 13.75
C GLU B 28 14.51 18.68 13.31
N ARG B 29 14.33 17.45 12.82
CA ARG B 29 12.96 16.93 12.61
C ARG B 29 12.41 16.11 13.78
N GLY B 30 13.09 16.19 14.92
CA GLY B 30 12.59 15.54 16.13
C GLY B 30 12.93 14.05 16.14
N ILE B 31 13.80 13.62 15.22
CA ILE B 31 14.19 12.20 15.17
C ILE B 31 15.40 11.94 16.11
N GLU B 32 15.29 10.92 16.96
CA GLU B 32 16.47 10.51 17.72
C GLU B 32 17.49 9.82 16.83
N VAL B 33 18.74 10.24 16.95
CA VAL B 33 19.85 9.67 16.18
C VAL B 33 20.82 8.97 17.11
N GLN B 34 21.11 7.72 16.78
CA GLN B 34 22.16 7.00 17.46
C GLN B 34 23.39 6.91 16.55
N LEU B 35 24.47 7.59 16.92
CA LEU B 35 25.71 7.46 16.16
C LEU B 35 26.49 6.26 16.72
N THR B 36 27.10 5.48 15.82
CA THR B 36 27.93 4.34 16.24
C THR B 36 28.88 3.91 15.12
N ARG B 37 29.76 2.92 15.40
CA ARG B 37 30.82 2.55 14.48
C ARG B 37 31.20 1.08 14.72
N GLU B 38 31.76 0.46 13.69
CA GLU B 38 32.28 -0.90 13.81
C GLU B 38 33.68 -1.04 13.23
N PRO B 39 34.43 -2.04 13.71
CA PRO B 39 34.07 -2.83 14.90
C PRO B 39 34.16 -1.98 16.18
N GLY B 40 33.35 -2.26 17.19
CA GLY B 40 33.11 -1.27 18.19
C GLY B 40 31.69 -1.01 18.59
N GLY B 41 31.52 0.06 19.37
CA GLY B 41 30.20 0.59 19.70
C GLY B 41 29.68 0.15 21.07
N THR B 42 30.35 -0.83 21.68
CA THR B 42 30.16 -1.19 23.10
C THR B 42 31.51 -1.42 23.78
N PRO B 43 31.56 -1.38 25.13
CA PRO B 43 32.86 -1.59 25.76
C PRO B 43 33.55 -2.89 25.27
N LEU B 44 32.82 -3.99 25.23
CA LEU B 44 33.40 -5.24 24.76
C LEU B 44 33.72 -5.21 23.26
N ALA B 45 32.80 -4.72 22.43
CA ALA B 45 33.10 -4.60 21.01
C ALA B 45 34.34 -3.68 20.76
N GLU B 46 34.54 -2.65 21.60
CA GLU B 46 35.73 -1.81 21.54
C GLU B 46 36.99 -2.53 21.92
N ARG B 47 36.90 -3.44 22.90
CA ARG B 47 38.01 -4.40 23.19
C ARG B 47 38.38 -5.19 21.95
N ILE B 48 37.37 -5.61 21.21
CA ILE B 48 37.61 -6.56 20.12
C ILE B 48 38.20 -5.77 18.91
N ARG B 49 37.65 -4.59 18.64
CA ARG B 49 38.38 -3.53 17.93
C ARG B 49 39.87 -3.40 18.13
N GLU B 50 40.28 -3.25 19.39
CA GLU B 50 41.70 -2.98 19.68
C GLU B 50 42.48 -4.22 19.29
N LEU B 51 41.89 -5.37 19.56
CA LEU B 51 42.51 -6.64 19.17
C LEU B 51 42.76 -6.73 17.66
N LEU B 52 41.74 -6.33 16.89
CA LEU B 52 41.78 -6.33 15.41
C LEU B 52 42.74 -5.31 14.79
N LEU B 53 42.84 -4.13 15.39
CA LEU B 53 43.51 -2.99 14.77
C LEU B 53 44.94 -2.80 15.28
N ALA B 54 45.20 -3.21 16.52
CA ALA B 54 46.57 -3.01 17.07
C ALA B 54 47.55 -3.92 16.33
N PRO B 55 48.59 -3.33 15.72
CA PRO B 55 49.64 -4.20 15.15
C PRO B 55 50.23 -5.19 16.18
N SER B 56 50.50 -6.42 15.72
CA SER B 56 51.11 -7.45 16.54
C SER B 56 52.28 -8.17 15.83
N ASP B 57 53.27 -8.57 16.62
CA ASP B 57 54.30 -9.50 16.16
C ASP B 57 53.81 -10.91 15.78
N GLU B 58 52.70 -11.32 16.35
CA GLU B 58 52.00 -12.52 15.87
C GLU B 58 51.01 -12.17 14.75
N PRO B 59 51.17 -12.77 13.57
CA PRO B 59 50.23 -12.52 12.49
C PRO B 59 48.86 -13.11 12.80
N MET B 60 47.80 -12.31 12.69
CA MET B 60 46.45 -12.84 12.93
C MET B 60 45.94 -13.59 11.69
N ALA B 61 45.53 -14.84 11.87
CA ALA B 61 44.99 -15.63 10.74
C ALA B 61 43.79 -14.92 10.15
N ALA B 62 43.63 -14.98 8.83
CA ALA B 62 42.43 -14.46 8.18
C ALA B 62 41.12 -14.90 8.88
N ASP B 63 41.01 -16.19 9.21
CA ASP B 63 39.76 -16.72 9.78
C ASP B 63 39.49 -16.09 11.16
N THR B 64 40.55 -15.93 11.96
CA THR B 64 40.43 -15.24 13.23
C THR B 64 39.90 -13.79 13.09
N GLU B 65 40.45 -13.08 12.12
CA GLU B 65 40.05 -11.72 11.89
C GLU B 65 38.57 -11.62 11.52
N LEU B 66 38.12 -12.50 10.64
CA LEU B 66 36.70 -12.55 10.25
C LEU B 66 35.78 -12.92 11.39
N LEU B 67 36.18 -13.93 12.17
CA LEU B 67 35.37 -14.30 13.30
C LEU B 67 35.33 -13.20 14.39
N LEU B 68 36.46 -12.51 14.65
CA LEU B 68 36.43 -11.35 15.53
C LEU B 68 35.56 -10.21 14.99
N MET B 69 35.62 -9.92 13.70
CA MET B 69 34.76 -8.90 13.15
C MET B 69 33.29 -9.20 13.48
N PHE B 70 32.88 -10.45 13.23
CA PHE B 70 31.51 -10.87 13.53
C PHE B 70 31.17 -10.99 15.01
N ALA B 71 32.14 -11.39 15.84
CA ALA B 71 31.92 -11.40 17.31
C ALA B 71 31.59 -9.96 17.83
N ALA B 72 32.31 -8.97 17.33
CA ALA B 72 32.07 -7.56 17.75
C ALA B 72 30.75 -7.13 17.21
N ARG B 73 30.44 -7.56 15.99
CA ARG B 73 29.16 -7.24 15.37
C ARG B 73 27.96 -7.80 16.17
N ALA B 74 28.03 -9.07 16.57
CA ALA B 74 26.97 -9.67 17.45
C ALA B 74 26.69 -8.90 18.77
N GLN B 75 27.75 -8.53 19.48
CA GLN B 75 27.67 -7.72 20.71
C GLN B 75 27.04 -6.35 20.45
N HIS B 76 27.39 -5.73 19.33
CA HIS B 76 26.98 -4.34 19.01
C HIS B 76 25.52 -4.36 18.57
N LEU B 77 25.13 -5.40 17.86
CA LEU B 77 23.71 -5.61 17.50
C LEU B 77 22.81 -5.65 18.75
N ALA B 78 23.21 -6.43 19.75
CA ALA B 78 22.43 -6.56 21.00
C ALA B 78 22.51 -5.32 21.87
N GLY B 79 23.70 -4.73 21.94
CA GLY B 79 23.94 -3.65 22.87
C GLY B 79 23.44 -2.30 22.38
N VAL B 80 23.50 -2.08 21.07
N VAL B 80 23.42 -2.10 21.06
CA VAL B 80 23.23 -0.75 20.53
CA VAL B 80 23.13 -0.78 20.57
C VAL B 80 22.19 -0.75 19.43
C VAL B 80 22.11 -0.80 19.45
N ILE B 81 22.38 -1.57 18.41
CA ILE B 81 21.59 -1.45 17.19
C ILE B 81 20.12 -1.85 17.36
N ARG B 82 19.89 -3.03 17.91
CA ARG B 82 18.51 -3.47 18.09
C ARG B 82 17.71 -2.60 19.07
N PRO B 83 18.27 -2.27 20.24
CA PRO B 83 17.54 -1.34 21.11
C PRO B 83 17.24 0.04 20.51
N ALA B 84 18.16 0.59 19.69
CA ALA B 84 17.96 1.91 19.08
C ALA B 84 16.77 1.81 18.14
N LEU B 85 16.79 0.77 17.31
CA LEU B 85 15.72 0.53 16.34
C LEU B 85 14.37 0.31 17.04
N ALA B 86 14.38 -0.52 18.08
CA ALA B 86 13.23 -0.72 18.97
C ALA B 86 12.61 0.57 19.55
N ARG B 87 13.40 1.59 19.76
CA ARG B 87 12.79 2.81 20.29
C ARG B 87 12.58 3.84 19.19
N GLY B 88 12.62 3.37 17.94
CA GLY B 88 12.37 4.20 16.78
C GLY B 88 13.47 5.19 16.43
N ALA B 89 14.67 4.99 16.94
CA ALA B 89 15.80 5.89 16.58
C ALA B 89 16.32 5.59 15.15
N VAL B 90 17.06 6.54 14.57
CA VAL B 90 17.81 6.24 13.35
C VAL B 90 19.23 5.92 13.81
N VAL B 91 19.67 4.71 13.51
CA VAL B 91 21.10 4.38 13.67
C VAL B 91 21.94 4.87 12.46
N LEU B 92 22.98 5.65 12.72
CA LEU B 92 23.97 6.03 11.72
C LEU B 92 25.29 5.36 12.07
N CYS B 93 25.53 4.22 11.41
CA CYS B 93 26.62 3.35 11.80
C CYS B 93 27.78 3.41 10.80
N ASP B 94 28.96 3.84 11.27
CA ASP B 94 30.17 3.91 10.44
C ASP B 94 30.78 2.52 10.25
N ARG B 95 30.50 1.91 9.10
CA ARG B 95 30.92 0.53 8.74
C ARG B 95 30.06 -0.59 9.31
N PHE B 96 29.83 -1.61 8.48
CA PHE B 96 29.05 -2.78 8.90
C PHE B 96 29.48 -3.95 8.02
N THR B 97 28.56 -4.87 7.72
CA THR B 97 28.96 -6.11 7.04
C THR B 97 29.47 -5.88 5.59
N ASP B 98 29.04 -4.80 4.96
CA ASP B 98 29.64 -4.43 3.65
C ASP B 98 31.18 -4.26 3.75
N ALA B 99 31.63 -3.63 4.83
CA ALA B 99 33.06 -3.59 5.11
C ALA B 99 33.73 -4.96 5.23
N THR B 100 33.03 -5.93 5.80
CA THR B 100 33.56 -7.29 5.88
C THR B 100 33.70 -7.88 4.46
N TYR B 101 32.66 -7.73 3.64
CA TYR B 101 32.75 -8.13 2.27
C TYR B 101 33.93 -7.47 1.59
N ALA B 102 34.14 -6.16 1.87
CA ALA B 102 35.08 -5.34 1.11
C ALA B 102 36.48 -5.69 1.62
N TYR B 103 36.67 -5.72 2.93
CA TYR B 103 38.03 -5.91 3.50
C TYR B 103 38.40 -7.39 3.65
N GLN B 104 37.55 -8.14 4.36
CA GLN B 104 37.79 -9.58 4.54
C GLN B 104 37.65 -10.37 3.24
N GLY B 105 36.74 -9.97 2.35
CA GLY B 105 36.54 -10.74 1.12
C GLY B 105 37.41 -10.17 -0.01
N GLY B 106 37.18 -8.90 -0.36
CA GLY B 106 37.90 -8.30 -1.48
C GLY B 106 39.40 -8.17 -1.21
N GLY B 107 39.76 -7.59 -0.08
CA GLY B 107 41.16 -7.39 0.29
C GLY B 107 41.92 -8.67 0.69
N ARG B 108 41.36 -9.43 1.62
CA ARG B 108 42.00 -10.69 2.06
C ARG B 108 41.88 -11.86 1.13
N GLY B 109 40.85 -11.85 0.28
CA GLY B 109 40.56 -13.00 -0.54
C GLY B 109 39.69 -14.04 0.14
N LEU B 110 39.15 -13.76 1.32
CA LEU B 110 38.33 -14.80 1.96
C LEU B 110 37.08 -15.02 1.09
N PRO B 111 36.60 -16.27 0.98
CA PRO B 111 35.47 -16.47 0.08
C PRO B 111 34.25 -15.68 0.58
N GLU B 112 33.59 -14.97 -0.34
CA GLU B 112 32.26 -14.41 -0.10
C GLU B 112 31.32 -15.35 0.68
N ALA B 113 31.24 -16.61 0.28
CA ALA B 113 30.42 -17.60 0.99
C ALA B 113 30.62 -17.67 2.51
N ARG B 114 31.86 -17.58 2.95
CA ARG B 114 32.14 -17.71 4.35
C ARG B 114 31.61 -16.48 5.06
N ILE B 115 31.73 -15.34 4.40
CA ILE B 115 31.22 -14.10 4.95
C ILE B 115 29.69 -14.10 5.03
N ALA B 116 29.05 -14.50 3.93
CA ALA B 116 27.61 -14.71 3.90
C ALA B 116 27.05 -15.61 4.99
N ALA B 117 27.71 -16.73 5.28
CA ALA B 117 27.20 -17.66 6.31
C ALA B 117 27.19 -17.02 7.71
N LEU B 118 28.27 -16.31 8.05
CA LEU B 118 28.40 -15.59 9.32
C LEU B 118 27.42 -14.44 9.45
N GLU B 119 27.24 -13.68 8.35
CA GLU B 119 26.25 -12.61 8.25
C GLU B 119 24.85 -13.07 8.66
N SER B 120 24.36 -14.13 8.02
CA SER B 120 23.06 -14.70 8.36
C SER B 120 22.97 -15.31 9.81
N PHE B 121 24.00 -16.02 10.26
CA PHE B 121 24.04 -16.46 11.66
C PHE B 121 23.93 -15.32 12.65
N VAL B 122 24.74 -14.29 12.45
CA VAL B 122 24.80 -13.19 13.44
C VAL B 122 23.55 -12.32 13.36
N GLN B 123 23.10 -12.03 12.13
CA GLN B 123 22.11 -10.95 11.95
C GLN B 123 20.70 -11.46 11.75
N GLY B 124 20.54 -12.76 11.52
CA GLY B 124 19.25 -13.27 11.07
C GLY B 124 18.84 -12.49 9.84
N ASP B 125 17.64 -11.92 9.84
CA ASP B 125 17.19 -11.20 8.67
C ASP B 125 17.53 -9.71 8.65
N LEU B 126 18.22 -9.20 9.66
CA LEU B 126 18.38 -7.74 9.80
C LEU B 126 19.43 -7.30 8.80
N ARG B 127 19.10 -6.32 7.96
CA ARG B 127 20.08 -5.72 7.02
C ARG B 127 19.87 -4.20 7.09
N PRO B 128 20.87 -3.41 6.73
CA PRO B 128 20.68 -1.94 6.77
C PRO B 128 19.53 -1.58 5.82
N ASP B 129 18.78 -0.55 6.21
CA ASP B 129 17.67 -0.05 5.38
C ASP B 129 18.32 0.74 4.25
N LEU B 130 19.41 1.41 4.56
CA LEU B 130 20.14 2.13 3.53
C LEU B 130 21.64 2.18 3.87
N THR B 131 22.48 2.05 2.85
CA THR B 131 23.94 2.11 2.98
C THR B 131 24.49 3.18 2.03
N LEU B 132 25.21 4.15 2.63
CA LEU B 132 25.85 5.20 1.87
C LEU B 132 27.32 4.83 1.59
N VAL B 133 27.64 4.70 0.32
CA VAL B 133 29.02 4.39 -0.04
C VAL B 133 29.73 5.64 -0.47
N PHE B 134 30.74 6.03 0.30
CA PHE B 134 31.59 7.15 -0.10
C PHE B 134 32.72 6.66 -0.97
N ASP B 135 32.58 6.90 -2.27
CA ASP B 135 33.56 6.41 -3.26
C ASP B 135 34.67 7.44 -3.53
N LEU B 136 35.92 6.98 -3.63
CA LEU B 136 37.07 7.88 -3.71
C LEU B 136 38.19 7.09 -4.39
N PRO B 137 38.92 7.69 -5.36
CA PRO B 137 40.13 7.04 -5.88
C PRO B 137 41.03 6.55 -4.75
N VAL B 138 41.57 5.35 -4.87
CA VAL B 138 42.43 4.84 -3.81
C VAL B 138 43.58 5.77 -3.37
N GLU B 139 44.28 6.39 -4.32
CA GLU B 139 45.45 7.21 -3.94
C GLU B 139 45.06 8.25 -2.90
N ILE B 140 43.89 8.88 -3.06
CA ILE B 140 43.49 9.99 -2.17
C ILE B 140 43.22 9.44 -0.78
N GLY B 141 42.49 8.33 -0.77
CA GLY B 141 42.29 7.58 0.47
C GLY B 141 43.59 7.16 1.16
N LEU B 142 44.61 6.73 0.38
CA LEU B 142 45.89 6.29 0.99
C LEU B 142 46.73 7.49 1.52
N ALA B 143 46.86 8.55 0.72
CA ALA B 143 47.50 9.78 1.19
C ALA B 143 46.84 10.28 2.50
N ARG B 144 45.51 10.33 2.52
CA ARG B 144 44.83 10.89 3.69
C ARG B 144 45.04 10.07 4.96
N ALA B 145 45.05 8.74 4.81
CA ALA B 145 45.36 7.84 5.92
C ALA B 145 46.81 7.99 6.39
N ALA B 146 47.74 8.12 5.46
CA ALA B 146 49.15 8.35 5.79
C ALA B 146 49.34 9.63 6.61
N ALA B 147 48.73 10.72 6.15
CA ALA B 147 48.70 11.99 6.90
C ALA B 147 48.10 11.87 8.30
N ARG B 148 47.09 11.00 8.47
CA ARG B 148 46.40 10.85 9.75
C ARG B 148 47.10 9.97 10.79
N GLY B 149 47.87 8.98 10.32
CA GLY B 149 48.80 8.23 11.18
C GLY B 149 48.15 7.42 12.31
N ASP B 152 46.19 1.35 12.97
CA ASP B 152 45.18 0.50 12.36
C ASP B 152 45.94 -0.46 11.42
N ARG B 153 46.10 -1.71 11.85
CA ARG B 153 46.71 -2.76 11.04
C ARG B 153 46.17 -2.71 9.60
N PHE B 154 44.93 -2.27 9.42
CA PHE B 154 44.31 -2.38 8.09
C PHE B 154 44.90 -1.37 7.13
N GLU B 155 45.37 -0.27 7.68
CA GLU B 155 45.89 0.83 6.89
C GLU B 155 47.32 0.61 6.37
N GLN B 156 47.93 -0.48 6.81
CA GLN B 156 49.21 -0.88 6.29
C GLN B 156 49.10 -1.90 5.17
N GLU B 157 47.87 -2.21 4.75
CA GLU B 157 47.63 -3.16 3.64
C GLU B 157 47.98 -2.46 2.34
N ASP B 158 48.27 -3.28 1.33
CA ASP B 158 48.92 -2.83 0.10
C ASP B 158 47.89 -2.12 -0.77
N ARG B 159 48.34 -1.44 -1.83
CA ARG B 159 47.46 -0.69 -2.71
C ARG B 159 46.42 -1.58 -3.36
N ARG B 160 46.80 -2.81 -3.71
CA ARG B 160 45.90 -3.65 -4.51
C ARG B 160 44.74 -4.09 -3.59
N PHE B 161 45.06 -4.27 -2.31
CA PHE B 161 44.08 -4.59 -1.25
C PHE B 161 43.03 -3.48 -1.17
N PHE B 162 43.47 -2.23 -1.09
CA PHE B 162 42.54 -1.11 -1.17
C PHE B 162 41.75 -0.90 -2.47
N GLU B 163 42.36 -1.15 -3.62
CA GLU B 163 41.63 -1.19 -4.88
C GLU B 163 40.50 -2.25 -4.85
N ALA B 164 40.82 -3.42 -4.29
CA ALA B 164 39.82 -4.48 -4.03
C ALA B 164 38.67 -4.02 -3.12
N VAL B 165 39.02 -3.34 -2.03
CA VAL B 165 38.02 -2.82 -1.09
C VAL B 165 37.07 -1.84 -1.82
N ARG B 166 37.65 -0.92 -2.58
CA ARG B 166 36.85 0.09 -3.23
C ARG B 166 35.90 -0.57 -4.25
N GLN B 167 36.42 -1.48 -5.09
CA GLN B 167 35.60 -2.15 -6.14
C GLN B 167 34.52 -3.04 -5.52
N THR B 168 34.84 -3.62 -4.36
CA THR B 168 33.87 -4.49 -3.73
C THR B 168 32.62 -3.73 -3.32
N TYR B 169 32.79 -2.55 -2.71
CA TYR B 169 31.64 -1.71 -2.38
C TYR B 169 30.79 -1.35 -3.58
N LEU B 170 31.44 -0.88 -4.65
CA LEU B 170 30.76 -0.61 -5.90
C LEU B 170 30.00 -1.80 -6.50
N GLN B 171 30.61 -2.97 -6.52
CA GLN B 171 29.95 -4.20 -6.93
C GLN B 171 28.75 -4.59 -6.03
N ARG B 172 28.87 -4.44 -4.73
CA ARG B 172 27.74 -4.77 -3.85
C ARG B 172 26.57 -3.78 -4.03
N ALA B 173 26.91 -2.51 -4.19
CA ALA B 173 25.92 -1.45 -4.42
C ALA B 173 25.11 -1.77 -5.66
N ALA B 174 25.82 -1.93 -6.78
CA ALA B 174 25.21 -2.21 -8.09
C ALA B 174 24.30 -3.45 -8.13
N GLN B 175 24.62 -4.46 -7.31
CA GLN B 175 23.78 -5.65 -7.19
C GLN B 175 22.48 -5.54 -6.35
N ALA B 176 22.36 -4.52 -5.50
CA ALA B 176 21.15 -4.31 -4.73
C ALA B 176 20.93 -2.81 -4.63
N PRO B 177 20.64 -2.18 -5.77
CA PRO B 177 20.72 -0.73 -5.80
C PRO B 177 19.66 -0.04 -4.94
N GLU B 178 18.57 -0.73 -4.59
CA GLU B 178 17.52 -0.11 -3.77
C GLU B 178 18.00 0.17 -2.35
N ARG B 179 19.05 -0.54 -1.92
CA ARG B 179 19.56 -0.45 -0.53
C ARG B 179 20.80 0.46 -0.45
N TYR B 180 21.40 0.78 -1.60
CA TYR B 180 22.60 1.64 -1.61
C TYR B 180 22.45 3.02 -2.27
N GLN B 181 23.20 3.98 -1.75
CA GLN B 181 23.51 5.19 -2.52
C GLN B 181 25.00 5.34 -2.55
N VAL B 182 25.57 5.37 -3.76
CA VAL B 182 27.00 5.65 -3.92
C VAL B 182 27.22 7.18 -4.07
N LEU B 183 28.08 7.77 -3.25
CA LEU B 183 28.39 9.18 -3.38
C LEU B 183 29.82 9.35 -3.92
N ASP B 184 30.01 10.27 -4.86
CA ASP B 184 31.36 10.66 -5.28
C ASP B 184 32.02 11.63 -4.28
N ALA B 185 32.83 11.07 -3.38
CA ALA B 185 33.39 11.81 -2.27
C ALA B 185 34.58 12.65 -2.76
N GLY B 186 34.90 12.53 -4.05
CA GLY B 186 35.80 13.49 -4.72
C GLY B 186 35.17 14.86 -4.97
N LEU B 187 33.84 14.94 -4.90
CA LEU B 187 33.13 16.23 -5.04
C LEU B 187 33.33 17.16 -3.84
N PRO B 188 33.12 18.47 -4.05
CA PRO B 188 33.12 19.35 -2.85
C PRO B 188 31.99 18.94 -1.91
N LEU B 189 32.19 19.16 -0.62
CA LEU B 189 31.17 18.86 0.36
C LEU B 189 29.80 19.41 0.03
N ALA B 190 29.73 20.63 -0.54
CA ALA B 190 28.43 21.24 -0.86
C ALA B 190 27.64 20.33 -1.77
N GLU B 191 28.30 19.76 -2.78
CA GLU B 191 27.64 18.90 -3.75
C GLU B 191 27.28 17.53 -3.15
N VAL B 192 28.18 16.96 -2.33
CA VAL B 192 27.82 15.73 -1.57
C VAL B 192 26.64 15.94 -0.62
N GLN B 193 26.65 17.03 0.13
CA GLN B 193 25.58 17.28 1.07
C GLN B 193 24.26 17.63 0.39
N ALA B 194 24.31 18.26 -0.78
CA ALA B 194 23.13 18.37 -1.67
C ALA B 194 22.50 17.02 -2.00
N GLY B 195 23.34 16.03 -2.33
CA GLY B 195 22.86 14.68 -2.61
C GLY B 195 22.28 14.03 -1.36
N LEU B 196 22.87 14.30 -0.20
CA LEU B 196 22.25 13.83 1.05
C LEU B 196 20.88 14.45 1.28
N ASP B 197 20.79 15.75 1.03
CA ASP B 197 19.48 16.42 1.12
C ASP B 197 18.47 15.70 0.26
N ARG B 198 18.90 15.23 -0.91
CA ARG B 198 17.96 14.66 -1.88
C ARG B 198 17.43 13.31 -1.43
N LEU B 199 18.17 12.62 -0.56
CA LEU B 199 17.73 11.31 -0.10
C LEU B 199 17.00 11.34 1.24
N LEU B 200 16.91 12.52 1.84
CA LEU B 200 16.13 12.72 3.04
C LEU B 200 14.63 12.33 2.98
N PRO B 201 13.92 12.77 1.92
CA PRO B 201 12.52 12.39 1.76
C PRO B 201 12.29 10.87 1.80
N ASN B 202 13.06 10.11 1.04
CA ASN B 202 12.98 8.64 1.05
C ASN B 202 13.15 8.07 2.46
N LEU B 203 14.21 8.50 3.13
CA LEU B 203 14.49 8.19 4.54
C LEU B 203 13.35 8.45 5.52
N LEU B 204 12.79 9.65 5.51
CA LEU B 204 11.72 10.01 6.43
C LEU B 204 10.47 9.20 6.14
N GLU B 205 10.34 8.77 4.88
CA GLU B 205 9.24 7.88 4.50
C GLU B 205 9.46 6.46 5.00
N ARG B 206 10.70 5.97 4.86
CA ARG B 206 11.03 4.59 5.22
C ARG B 206 10.95 4.44 6.72
N THR C 1 -10.54 25.11 18.19
CA THR C 1 -9.54 26.19 18.54
C THR C 1 -8.13 25.93 17.95
N GLY C 2 -8.01 24.94 17.07
CA GLY C 2 -6.70 24.54 16.56
C GLY C 2 -6.37 25.31 15.27
N LEU C 3 -5.56 24.73 14.40
CA LEU C 3 -5.27 25.44 13.16
C LEU C 3 -5.15 24.44 12.02
N PHE C 4 -5.75 24.81 10.89
CA PHE C 4 -5.81 23.97 9.72
C PHE C 4 -4.86 24.49 8.65
N VAL C 5 -3.70 23.82 8.53
CA VAL C 5 -2.67 24.15 7.56
C VAL C 5 -2.59 23.01 6.55
N THR C 6 -2.64 23.40 5.27
CA THR C 6 -2.45 22.44 4.20
C THR C 6 -1.15 22.76 3.41
N LEU C 7 -0.51 21.72 2.90
CA LEU C 7 0.70 21.86 2.12
C LEU C 7 0.39 21.35 0.71
N GLU C 8 0.72 22.18 -0.29
CA GLU C 8 0.33 21.90 -1.67
C GLU C 8 1.54 22.12 -2.58
N GLY C 9 1.48 21.62 -3.81
CA GLY C 9 2.44 22.11 -4.81
C GLY C 9 2.37 21.33 -6.12
N PRO C 10 3.14 21.76 -7.14
CA PRO C 10 3.28 20.84 -8.28
C PRO C 10 3.56 19.38 -7.83
N GLU C 11 3.17 18.43 -8.67
CA GLU C 11 3.55 17.02 -8.44
C GLU C 11 5.04 16.87 -8.08
N GLY C 12 5.32 16.20 -6.94
CA GLY C 12 6.71 16.09 -6.46
C GLY C 12 6.99 17.06 -5.32
N ALA C 13 6.11 18.05 -5.17
CA ALA C 13 6.36 19.13 -4.20
C ALA C 13 6.37 18.62 -2.76
N THR C 17 9.06 16.23 3.38
CA THR C 17 10.15 16.45 4.33
C THR C 17 10.18 17.83 5.00
N ASN C 18 9.69 18.84 4.27
CA ASN C 18 9.46 20.14 4.82
C ASN C 18 8.44 20.00 5.96
N ARG C 19 7.45 19.13 5.77
CA ARG C 19 6.42 18.96 6.80
C ARG C 19 6.91 18.49 8.17
N ASP C 20 7.87 17.55 8.19
CA ASP C 20 8.47 17.09 9.41
C ASP C 20 9.21 18.18 10.18
N TYR C 21 9.89 19.03 9.45
CA TYR C 21 10.67 20.10 10.07
C TYR C 21 9.66 21.07 10.71
N LEU C 22 8.64 21.42 9.95
CA LEU C 22 7.61 22.35 10.48
C LEU C 22 6.88 21.75 11.71
N ALA C 23 6.56 20.47 11.68
CA ALA C 23 5.90 19.82 12.83
C ALA C 23 6.74 19.86 14.09
N GLU C 24 8.06 19.65 13.95
CA GLU C 24 8.92 19.69 15.12
C GLU C 24 9.04 21.15 15.63
N ARG C 25 9.06 22.15 14.75
CA ARG C 25 9.02 23.53 15.28
C ARG C 25 7.79 23.73 16.15
N LEU C 26 6.65 23.20 15.67
CA LEU C 26 5.42 23.37 16.43
C LEU C 26 5.44 22.62 17.74
N ARG C 27 5.84 21.35 17.70
CA ARG C 27 5.86 20.51 18.89
C ARG C 27 6.75 21.12 19.96
N GLU C 28 7.92 21.64 19.56
CA GLU C 28 8.87 22.27 20.51
C GLU C 28 8.16 23.34 21.27
N ARG C 29 7.21 23.98 20.61
CA ARG C 29 6.56 25.15 21.16
C ARG C 29 5.30 24.74 21.94
N GLY C 30 5.27 23.47 22.34
CA GLY C 30 4.24 22.89 23.17
C GLY C 30 2.89 22.74 22.46
N ILE C 31 2.91 22.73 21.13
CA ILE C 31 1.68 22.57 20.32
C ILE C 31 1.50 21.12 19.89
N GLU C 32 0.29 20.58 20.04
CA GLU C 32 -0.06 19.33 19.38
C GLU C 32 -0.22 19.41 17.85
N VAL C 33 0.43 18.50 17.16
CA VAL C 33 0.43 18.50 15.68
C VAL C 33 -0.23 17.21 15.23
N GLN C 34 -1.20 17.35 14.33
CA GLN C 34 -1.74 16.20 13.65
C GLN C 34 -1.27 16.16 12.20
N LEU C 35 -0.45 15.17 11.86
CA LEU C 35 0.03 15.03 10.47
C LEU C 35 -0.98 14.15 9.74
N THR C 36 -1.23 14.50 8.49
CA THR C 36 -2.17 13.74 7.71
C THR C 36 -2.00 14.08 6.26
N ARG C 37 -2.69 13.36 5.38
CA ARG C 37 -2.54 13.54 3.92
C ARG C 37 -3.87 13.18 3.21
N GLU C 38 -4.03 13.72 2.00
CA GLU C 38 -5.18 13.40 1.13
C GLU C 38 -4.73 13.09 -0.31
N PRO C 39 -5.52 12.31 -1.04
CA PRO C 39 -6.61 11.53 -0.46
C PRO C 39 -6.04 10.44 0.49
N GLY C 40 -6.81 10.05 1.50
CA GLY C 40 -6.19 9.33 2.58
C GLY C 40 -6.55 9.74 3.99
N GLY C 41 -5.81 9.12 4.90
CA GLY C 41 -5.64 9.62 6.28
C GLY C 41 -6.55 8.88 7.27
N THR C 42 -7.41 8.00 6.75
CA THR C 42 -8.16 7.00 7.55
C THR C 42 -8.13 5.70 6.76
N PRO C 43 -8.48 4.54 7.38
CA PRO C 43 -8.39 3.30 6.56
C PRO C 43 -9.27 3.29 5.30
N LEU C 44 -10.53 3.68 5.43
CA LEU C 44 -11.42 3.82 4.28
C LEU C 44 -10.89 4.85 3.24
N ALA C 45 -10.39 6.01 3.70
CA ALA C 45 -9.96 7.05 2.78
C ALA C 45 -8.72 6.55 2.04
N GLU C 46 -7.91 5.71 2.70
CA GLU C 46 -6.71 5.14 2.05
C GLU C 46 -7.07 4.08 1.00
N ARG C 47 -8.18 3.37 1.22
CA ARG C 47 -8.74 2.50 0.18
C ARG C 47 -9.20 3.31 -1.03
N ILE C 48 -9.84 4.45 -0.76
CA ILE C 48 -10.09 5.36 -1.84
C ILE C 48 -8.88 5.94 -2.55
N ARG C 49 -7.89 6.43 -1.81
CA ARG C 49 -6.55 6.65 -2.37
C ARG C 49 -6.03 5.67 -3.40
N GLU C 50 -6.00 4.37 -3.06
CA GLU C 50 -5.36 3.39 -3.97
C GLU C 50 -6.17 3.21 -5.23
N LEU C 51 -7.50 3.34 -5.14
CA LEU C 51 -8.36 3.31 -6.34
C LEU C 51 -8.05 4.47 -7.26
N LEU C 52 -7.83 5.64 -6.67
CA LEU C 52 -7.46 6.87 -7.39
C LEU C 52 -6.06 6.84 -8.04
N LEU C 53 -5.09 6.25 -7.35
CA LEU C 53 -3.69 6.35 -7.81
C LEU C 53 -3.28 5.24 -8.78
N ALA C 54 -4.04 4.14 -8.79
CA ALA C 54 -3.71 2.96 -9.63
C ALA C 54 -3.85 3.22 -11.11
N PRO C 55 -2.84 2.82 -11.90
CA PRO C 55 -2.93 3.02 -13.34
C PRO C 55 -3.67 1.87 -14.00
N SER C 56 -4.97 1.84 -13.73
CA SER C 56 -5.82 0.72 -14.03
C SER C 56 -6.18 0.66 -15.51
N ASP C 57 -6.39 -0.56 -16.00
CA ASP C 57 -6.76 -0.85 -17.39
C ASP C 57 -8.04 -0.12 -17.77
N GLU C 58 -9.00 -0.06 -16.84
CA GLU C 58 -10.17 0.77 -17.01
C GLU C 58 -9.90 2.24 -16.68
N PRO C 59 -9.94 3.11 -17.69
CA PRO C 59 -9.69 4.54 -17.43
C PRO C 59 -10.82 5.14 -16.59
N MET C 60 -10.46 5.84 -15.53
CA MET C 60 -11.47 6.33 -14.60
C MET C 60 -12.12 7.59 -15.19
N ALA C 61 -13.46 7.65 -15.17
CA ALA C 61 -14.14 8.87 -15.64
C ALA C 61 -13.73 10.09 -14.82
N ALA C 62 -13.52 11.26 -15.46
CA ALA C 62 -13.24 12.50 -14.64
C ALA C 62 -14.23 12.78 -13.50
N ASP C 63 -15.52 12.61 -13.74
CA ASP C 63 -16.49 12.84 -12.65
C ASP C 63 -16.33 11.82 -11.51
N THR C 64 -16.05 10.57 -11.85
CA THR C 64 -15.66 9.57 -10.85
C THR C 64 -14.46 9.98 -10.00
N GLU C 65 -13.41 10.41 -10.66
CA GLU C 65 -12.22 10.89 -9.98
C GLU C 65 -12.53 12.04 -9.02
N LEU C 66 -13.33 13.00 -9.46
CA LEU C 66 -13.69 14.16 -8.62
C LEU C 66 -14.52 13.71 -7.39
N LEU C 67 -15.52 12.87 -7.64
CA LEU C 67 -16.34 12.38 -6.52
C LEU C 67 -15.61 11.49 -5.53
N LEU C 68 -14.70 10.66 -6.02
CA LEU C 68 -13.88 9.89 -5.10
C LEU C 68 -12.92 10.77 -4.27
N MET C 69 -12.37 11.81 -4.87
CA MET C 69 -11.49 12.71 -4.13
C MET C 69 -12.29 13.33 -2.98
N PHE C 70 -13.49 13.81 -3.29
CA PHE C 70 -14.39 14.36 -2.26
C PHE C 70 -14.95 13.34 -1.25
N ALA C 71 -15.15 12.09 -1.68
CA ALA C 71 -15.64 11.03 -0.78
C ALA C 71 -14.55 10.70 0.28
N ALA C 72 -13.29 10.55 -0.18
CA ALA C 72 -12.16 10.42 0.79
C ALA C 72 -12.05 11.62 1.73
N ARG C 73 -12.21 12.83 1.17
CA ARG C 73 -12.23 14.09 1.93
C ARG C 73 -13.33 14.17 3.03
N ALA C 74 -14.58 13.86 2.68
CA ALA C 74 -15.63 13.62 3.68
C ALA C 74 -15.26 12.74 4.84
N GLN C 75 -14.70 11.57 4.55
CA GLN C 75 -14.40 10.60 5.60
C GLN C 75 -13.25 11.12 6.51
N HIS C 76 -12.27 11.73 5.86
CA HIS C 76 -11.08 12.28 6.52
C HIS C 76 -11.42 13.47 7.45
N LEU C 77 -12.29 14.35 6.97
CA LEU C 77 -12.76 15.49 7.74
C LEU C 77 -13.47 15.03 8.99
N ALA C 78 -14.35 14.03 8.83
CA ALA C 78 -15.06 13.42 9.96
C ALA C 78 -14.17 12.71 10.98
N GLY C 79 -13.30 11.85 10.49
CA GLY C 79 -12.54 10.95 11.30
C GLY C 79 -11.27 11.54 11.93
N VAL C 80 -10.73 12.62 11.33
CA VAL C 80 -9.36 13.09 11.62
C VAL C 80 -9.34 14.63 11.76
N ILE C 81 -9.64 15.35 10.68
CA ILE C 81 -9.46 16.81 10.72
C ILE C 81 -10.33 17.56 11.75
N ARG C 82 -11.64 17.34 11.73
CA ARG C 82 -12.51 18.06 12.67
C ARG C 82 -12.19 17.74 14.13
N PRO C 83 -12.06 16.46 14.48
CA PRO C 83 -11.65 16.08 15.83
C PRO C 83 -10.30 16.68 16.27
N ALA C 84 -9.31 16.73 15.39
CA ALA C 84 -8.03 17.42 15.66
C ALA C 84 -8.19 18.91 15.94
N LEU C 85 -8.89 19.61 15.06
CA LEU C 85 -9.11 21.02 15.26
C LEU C 85 -9.83 21.29 16.62
N ALA C 86 -10.80 20.44 16.93
CA ALA C 86 -11.63 20.55 18.12
C ALA C 86 -10.79 20.41 19.39
N ARG C 87 -9.80 19.54 19.36
CA ARG C 87 -8.94 19.42 20.52
C ARG C 87 -7.78 20.45 20.54
N GLY C 88 -7.79 21.38 19.59
CA GLY C 88 -6.75 22.43 19.52
C GLY C 88 -5.43 22.03 18.88
N ALA C 89 -5.41 20.96 18.11
CA ALA C 89 -4.20 20.57 17.37
C ALA C 89 -4.00 21.48 16.14
N VAL C 90 -2.75 21.70 15.74
CA VAL C 90 -2.44 22.13 14.38
C VAL C 90 -2.43 20.88 13.46
N VAL C 91 -3.36 20.84 12.50
CA VAL C 91 -3.34 19.85 11.43
C VAL C 91 -2.39 20.34 10.34
N LEU C 92 -1.44 19.50 9.93
CA LEU C 92 -0.57 19.74 8.78
C LEU C 92 -0.93 18.69 7.78
N CYS C 93 -1.79 19.05 6.84
CA CYS C 93 -2.40 18.06 5.99
C CYS C 93 -1.66 18.18 4.66
N ASP C 94 -1.13 17.05 4.17
CA ASP C 94 -0.44 16.95 2.87
C ASP C 94 -1.50 16.90 1.76
N ARG C 95 -1.78 18.05 1.11
CA ARG C 95 -2.83 18.22 0.04
C ARG C 95 -4.29 18.21 0.53
N PHE C 96 -5.12 18.99 -0.16
CA PHE C 96 -6.52 19.19 0.25
C PHE C 96 -7.25 19.83 -0.96
N THR C 97 -8.27 20.64 -0.74
CA THR C 97 -9.11 21.03 -1.86
C THR C 97 -8.41 21.91 -2.90
N ASP C 98 -7.30 22.55 -2.54
CA ASP C 98 -6.56 23.31 -3.58
C ASP C 98 -6.02 22.36 -4.62
N ALA C 99 -5.60 21.17 -4.19
CA ALA C 99 -5.12 20.15 -5.11
C ALA C 99 -6.22 19.70 -6.06
N THR C 100 -7.45 19.69 -5.55
CA THR C 100 -8.63 19.39 -6.39
C THR C 100 -8.79 20.44 -7.47
N TYR C 101 -8.72 21.73 -7.09
CA TYR C 101 -8.82 22.79 -8.09
C TYR C 101 -7.68 22.70 -9.11
N ALA C 102 -6.47 22.39 -8.61
CA ALA C 102 -5.29 22.25 -9.44
C ALA C 102 -5.31 21.04 -10.38
N TYR C 103 -5.49 19.84 -9.80
CA TYR C 103 -5.43 18.59 -10.57
C TYR C 103 -6.72 18.32 -11.36
N GLN C 104 -7.88 18.39 -10.70
CA GLN C 104 -9.18 18.08 -11.32
C GLN C 104 -9.74 19.25 -12.13
N GLY C 105 -9.52 20.49 -11.69
CA GLY C 105 -9.82 21.68 -12.52
C GLY C 105 -8.76 22.04 -13.56
N GLY C 106 -7.60 22.53 -13.13
CA GLY C 106 -6.51 22.82 -14.10
C GLY C 106 -6.09 21.64 -14.99
N GLY C 107 -5.67 20.56 -14.37
CA GLY C 107 -5.09 19.48 -15.16
C GLY C 107 -6.14 18.74 -15.96
N ARG C 108 -7.21 18.35 -15.30
CA ARG C 108 -8.15 17.41 -15.87
C ARG C 108 -9.16 18.15 -16.72
N GLY C 109 -9.34 19.45 -16.46
CA GLY C 109 -10.31 20.26 -17.20
C GLY C 109 -11.74 20.37 -16.66
N LEU C 110 -12.04 19.84 -15.48
CA LEU C 110 -13.40 20.05 -14.91
C LEU C 110 -13.69 21.51 -14.56
N PRO C 111 -14.96 21.93 -14.68
CA PRO C 111 -15.35 23.29 -14.30
C PRO C 111 -15.03 23.58 -12.84
N GLU C 112 -14.43 24.76 -12.61
CA GLU C 112 -14.18 25.26 -11.26
C GLU C 112 -15.48 25.19 -10.48
N ALA C 113 -16.60 25.52 -11.13
CA ALA C 113 -17.91 25.48 -10.44
C ALA C 113 -18.27 24.11 -9.84
N ARG C 114 -17.92 23.03 -10.54
CA ARG C 114 -18.30 21.70 -10.06
C ARG C 114 -17.53 21.40 -8.82
N ILE C 115 -16.26 21.80 -8.82
CA ILE C 115 -15.43 21.68 -7.61
C ILE C 115 -15.97 22.52 -6.44
N ALA C 116 -16.28 23.79 -6.71
CA ALA C 116 -16.79 24.68 -5.67
C ALA C 116 -18.05 24.08 -5.01
N ALA C 117 -18.95 23.55 -5.83
CA ALA C 117 -20.20 23.04 -5.28
C ALA C 117 -19.96 21.85 -4.35
N LEU C 118 -19.00 21.00 -4.71
CA LEU C 118 -18.68 19.84 -3.85
C LEU C 118 -17.88 20.25 -2.62
N GLU C 119 -17.01 21.25 -2.79
CA GLU C 119 -16.25 21.80 -1.64
C GLU C 119 -17.21 22.27 -0.53
N SER C 120 -18.21 23.04 -0.93
CA SER C 120 -19.24 23.48 -0.04
C SER C 120 -20.07 22.32 0.54
N PHE C 121 -20.49 21.40 -0.33
CA PHE C 121 -21.29 20.28 0.15
C PHE C 121 -20.53 19.51 1.24
N VAL C 122 -19.29 19.19 0.92
CA VAL C 122 -18.50 18.33 1.82
C VAL C 122 -18.02 19.09 3.09
N GLN C 123 -17.57 20.33 2.90
CA GLN C 123 -16.84 21.01 4.02
C GLN C 123 -17.67 21.98 4.85
N GLY C 124 -18.85 22.36 4.38
CA GLY C 124 -19.57 23.50 4.93
C GLY C 124 -18.71 24.74 4.78
N ASP C 125 -18.48 25.44 5.88
CA ASP C 125 -17.64 26.66 5.88
C ASP C 125 -16.18 26.39 6.26
N LEU C 126 -15.82 25.12 6.48
CA LEU C 126 -14.46 24.82 6.90
C LEU C 126 -13.49 25.01 5.70
N ARG C 127 -12.51 25.91 5.85
CA ARG C 127 -11.41 26.04 4.87
C ARG C 127 -10.07 26.02 5.63
N PRO C 128 -8.94 25.73 4.94
CA PRO C 128 -7.65 25.86 5.61
C PRO C 128 -7.47 27.29 6.13
N ASP C 129 -6.79 27.42 7.27
CA ASP C 129 -6.47 28.73 7.85
C ASP C 129 -5.26 29.30 7.14
N LEU C 130 -4.43 28.43 6.58
CA LEU C 130 -3.22 28.84 5.89
C LEU C 130 -2.82 27.74 4.96
N THR C 131 -2.49 28.08 3.72
CA THR C 131 -2.06 27.07 2.77
C THR C 131 -0.66 27.42 2.27
N LEU C 132 0.25 26.47 2.40
CA LEU C 132 1.62 26.65 1.92
C LEU C 132 1.78 26.01 0.55
N VAL C 133 2.18 26.81 -0.42
CA VAL C 133 2.34 26.28 -1.77
C VAL C 133 3.84 26.16 -2.06
N PHE C 134 4.31 24.92 -2.22
CA PHE C 134 5.70 24.68 -2.58
C PHE C 134 5.83 24.68 -4.07
N ASP C 135 6.20 25.85 -4.60
CA ASP C 135 6.30 26.06 -6.03
C ASP C 135 7.68 25.65 -6.56
N LEU C 136 7.67 24.99 -7.69
CA LEU C 136 8.90 24.61 -8.37
C LEU C 136 8.63 24.21 -9.82
N PRO C 137 9.68 24.24 -10.67
CA PRO C 137 9.51 23.83 -12.06
C PRO C 137 9.02 22.42 -12.19
N VAL C 138 8.14 22.25 -13.16
CA VAL C 138 7.37 21.06 -13.30
C VAL C 138 8.26 19.81 -13.41
N GLU C 139 9.36 19.91 -14.13
CA GLU C 139 10.23 18.73 -14.31
C GLU C 139 11.09 18.34 -13.11
N ILE C 140 11.50 19.34 -12.34
CA ILE C 140 12.12 19.05 -11.05
C ILE C 140 11.19 18.25 -10.16
N GLY C 141 9.91 18.62 -10.18
CA GLY C 141 8.93 18.00 -9.31
C GLY C 141 8.83 16.52 -9.64
N LEU C 142 8.65 16.26 -10.93
CA LEU C 142 8.45 14.91 -11.46
C LEU C 142 9.68 14.05 -11.25
N ALA C 143 10.85 14.64 -11.48
CA ALA C 143 12.13 13.99 -11.16
C ALA C 143 12.18 13.55 -9.70
N ARG C 144 11.68 14.41 -8.79
CA ARG C 144 11.53 14.03 -7.40
C ARG C 144 10.43 12.98 -7.08
N ALA C 145 9.34 12.98 -7.84
CA ALA C 145 8.32 11.92 -7.72
C ALA C 145 8.87 10.57 -8.17
N ALA C 146 9.80 10.59 -9.12
CA ALA C 146 10.26 9.36 -9.74
C ALA C 146 11.52 8.82 -9.07
N LEU C 151 5.46 4.72 -9.92
CA LEU C 151 4.85 5.79 -10.75
C LEU C 151 3.34 5.70 -11.02
N ASP C 152 2.58 6.58 -10.39
CA ASP C 152 1.15 6.36 -10.25
C ASP C 152 0.35 7.10 -11.35
N ARG C 153 -0.97 7.01 -11.30
CA ARG C 153 -1.80 7.41 -12.43
C ARG C 153 -1.70 8.90 -12.71
N PHE C 154 -1.44 9.71 -11.67
CA PHE C 154 -1.25 11.15 -11.85
C PHE C 154 0.15 11.48 -12.26
N GLU C 155 1.12 10.79 -11.66
CA GLU C 155 2.50 11.00 -12.03
C GLU C 155 2.82 10.62 -13.48
N GLN C 156 1.97 9.82 -14.09
CA GLN C 156 2.18 9.45 -15.49
C GLN C 156 1.64 10.47 -16.49
N GLU C 157 1.13 11.60 -15.97
CA GLU C 157 0.52 12.64 -16.80
C GLU C 157 1.45 13.40 -17.76
N ASP C 158 0.85 14.02 -18.76
CA ASP C 158 1.59 14.78 -19.78
C ASP C 158 1.97 16.15 -19.21
N ARG C 159 2.82 16.89 -19.94
CA ARG C 159 3.40 18.08 -19.39
C ARG C 159 2.42 19.19 -19.13
N ARG C 160 1.46 19.31 -20.01
CA ARG C 160 0.53 20.43 -19.93
C ARG C 160 -0.34 20.25 -18.67
N PHE C 161 -0.66 19.00 -18.34
CA PHE C 161 -1.35 18.67 -17.10
C PHE C 161 -0.58 19.22 -15.88
N PHE C 162 0.70 18.88 -15.76
CA PHE C 162 1.53 19.41 -14.69
C PHE C 162 1.66 20.92 -14.70
N GLU C 163 1.79 21.53 -15.87
CA GLU C 163 1.91 22.97 -15.93
C GLU C 163 0.62 23.65 -15.44
N ALA C 164 -0.52 23.13 -15.86
CA ALA C 164 -1.82 23.68 -15.47
C ALA C 164 -1.97 23.54 -13.94
N VAL C 165 -1.49 22.43 -13.40
CA VAL C 165 -1.43 22.24 -11.93
C VAL C 165 -0.63 23.36 -11.23
N ARG C 166 0.62 23.55 -11.69
CA ARG C 166 1.46 24.60 -11.12
C ARG C 166 0.74 25.96 -11.16
N GLN C 167 0.14 26.30 -12.29
CA GLN C 167 -0.36 27.68 -12.49
C GLN C 167 -1.64 27.88 -11.73
N THR C 168 -2.45 26.84 -11.61
CA THR C 168 -3.66 26.91 -10.79
C THR C 168 -3.37 27.26 -9.34
N TYR C 169 -2.38 26.61 -8.75
CA TYR C 169 -1.99 26.94 -7.39
C TYR C 169 -1.56 28.42 -7.23
N LEU C 170 -0.75 28.90 -8.17
CA LEU C 170 -0.27 30.28 -8.15
C LEU C 170 -1.43 31.25 -8.33
N GLN C 171 -2.31 30.93 -9.27
CA GLN C 171 -3.52 31.69 -9.45
C GLN C 171 -4.35 31.79 -8.19
N ARG C 172 -4.65 30.66 -7.56
CA ARG C 172 -5.48 30.66 -6.34
C ARG C 172 -4.86 31.48 -5.16
N ALA C 173 -3.55 31.34 -5.01
CA ALA C 173 -2.80 32.05 -4.00
C ALA C 173 -2.87 33.54 -4.26
N ALA C 174 -2.83 33.92 -5.54
CA ALA C 174 -2.82 35.33 -5.93
C ALA C 174 -4.15 35.97 -5.59
N GLN C 175 -5.22 35.20 -5.70
CA GLN C 175 -6.55 35.73 -5.52
C GLN C 175 -7.06 35.79 -4.09
N ALA C 176 -6.45 35.03 -3.18
CA ALA C 176 -6.67 35.19 -1.75
C ALA C 176 -5.37 35.15 -0.93
N PRO C 177 -4.56 36.21 -1.03
CA PRO C 177 -3.21 36.17 -0.46
C PRO C 177 -3.16 36.04 1.05
N GLU C 178 -4.22 36.41 1.77
CA GLU C 178 -4.24 36.25 3.23
C GLU C 178 -4.18 34.78 3.66
N ARG C 179 -4.66 33.87 2.80
CA ARG C 179 -4.77 32.44 3.17
C ARG C 179 -3.58 31.59 2.71
N TYR C 180 -2.69 32.16 1.90
CA TYR C 180 -1.63 31.40 1.25
C TYR C 180 -0.23 32.02 1.50
N GLN C 181 0.77 31.16 1.59
CA GLN C 181 2.16 31.59 1.43
C GLN C 181 2.79 30.70 0.36
N VAL C 182 3.40 31.29 -0.66
CA VAL C 182 4.13 30.56 -1.70
C VAL C 182 5.64 30.52 -1.35
N LEU C 183 6.20 29.32 -1.31
CA LEU C 183 7.62 29.15 -1.02
C LEU C 183 8.27 28.66 -2.29
N ASP C 184 9.52 29.06 -2.50
CA ASP C 184 10.31 28.48 -3.58
C ASP C 184 10.91 27.14 -3.21
N ALA C 185 10.28 26.06 -3.68
CA ALA C 185 10.68 24.72 -3.33
C ALA C 185 11.85 24.23 -4.16
N GLY C 186 12.22 25.03 -5.15
CA GLY C 186 13.43 24.78 -5.96
C GLY C 186 14.73 25.08 -5.23
N LEU C 187 14.70 25.90 -4.18
CA LEU C 187 15.93 26.31 -3.45
C LEU C 187 16.59 25.17 -2.67
N PRO C 188 17.88 25.33 -2.31
CA PRO C 188 18.45 24.29 -1.46
C PRO C 188 17.64 24.09 -0.17
N LEU C 189 17.71 22.88 0.38
CA LEU C 189 16.95 22.53 1.60
C LEU C 189 17.10 23.55 2.71
N ALA C 190 18.32 24.00 3.00
CA ALA C 190 18.48 24.92 4.12
C ALA C 190 17.72 26.22 3.93
N GLU C 191 17.68 26.71 2.68
CA GLU C 191 16.89 27.89 2.38
C GLU C 191 15.39 27.66 2.52
N VAL C 192 14.93 26.48 2.13
CA VAL C 192 13.51 26.15 2.20
C VAL C 192 13.12 26.08 3.69
N GLN C 193 13.99 25.47 4.51
CA GLN C 193 13.80 25.41 5.98
C GLN C 193 13.76 26.82 6.57
N ALA C 194 14.65 27.71 6.10
CA ALA C 194 14.67 29.05 6.62
C ALA C 194 13.35 29.76 6.28
N GLY C 195 12.89 29.58 5.05
CA GLY C 195 11.53 30.02 4.68
C GLY C 195 10.45 29.49 5.62
N LEU C 196 10.55 28.24 6.03
CA LEU C 196 9.58 27.74 7.00
C LEU C 196 9.71 28.47 8.34
N ASP C 197 10.93 28.69 8.78
CA ASP C 197 11.13 29.42 10.05
C ASP C 197 10.56 30.84 9.93
N ARG C 198 10.68 31.46 8.78
CA ARG C 198 10.12 32.83 8.61
C ARG C 198 8.59 32.90 8.71
N LEU C 199 7.95 31.74 8.55
CA LEU C 199 6.48 31.59 8.51
C LEU C 199 5.90 31.46 9.90
N LEU C 200 6.72 31.00 10.84
CA LEU C 200 6.26 30.60 12.15
C LEU C 200 5.55 31.71 12.95
N PRO C 201 6.12 32.92 12.99
CA PRO C 201 5.41 33.97 13.76
C PRO C 201 3.94 34.16 13.37
N ASN C 202 3.69 34.24 12.06
CA ASN C 202 2.31 34.26 11.57
C ASN C 202 1.40 33.08 12.08
N LEU C 203 1.89 31.84 12.03
CA LEU C 203 1.03 30.71 12.38
C LEU C 203 0.71 30.77 13.84
N LEU C 204 1.70 31.15 14.61
CA LEU C 204 1.55 31.24 16.02
C LEU C 204 0.62 32.39 16.41
N GLU C 205 0.61 33.43 15.57
CA GLU C 205 -0.35 34.53 15.67
C GLU C 205 -1.77 34.08 15.29
N ARG C 206 -1.90 33.40 14.14
CA ARG C 206 -3.17 32.83 13.66
C ARG C 206 -3.77 31.82 14.64
N LEU C 207 -2.96 31.33 15.59
CA LEU C 207 -3.41 30.43 16.67
C LEU C 207 -3.89 31.22 17.89
N GLY D 2 -31.96 3.59 -27.81
CA GLY D 2 -31.88 2.61 -26.70
C GLY D 2 -32.92 2.88 -25.62
N LEU D 3 -33.12 1.96 -24.69
CA LEU D 3 -34.01 2.30 -23.57
C LEU D 3 -33.40 1.94 -22.23
N PHE D 4 -33.65 2.76 -21.23
CA PHE D 4 -32.98 2.65 -19.94
C PHE D 4 -34.07 2.33 -18.90
N VAL D 5 -34.13 1.06 -18.52
CA VAL D 5 -35.10 0.56 -17.52
C VAL D 5 -34.37 0.23 -16.22
N THR D 6 -34.91 0.67 -15.09
CA THR D 6 -34.27 0.29 -13.84
C THR D 6 -35.29 -0.51 -13.04
N LEU D 7 -34.77 -1.32 -12.11
CA LEU D 7 -35.58 -2.17 -11.27
C LEU D 7 -35.15 -1.86 -9.85
N GLU D 8 -36.13 -1.63 -9.00
CA GLU D 8 -35.87 -1.30 -7.60
C GLU D 8 -36.64 -2.22 -6.67
N GLY D 9 -36.05 -2.57 -5.55
CA GLY D 9 -36.80 -3.30 -4.56
C GLY D 9 -35.88 -4.29 -3.89
N PRO D 10 -36.39 -4.99 -2.86
CA PRO D 10 -35.54 -5.98 -2.20
C PRO D 10 -35.15 -7.24 -3.06
N GLU D 11 -34.00 -7.82 -2.75
CA GLU D 11 -33.72 -9.21 -3.18
C GLU D 11 -34.74 -10.18 -2.59
N GLY D 12 -35.08 -11.23 -3.34
CA GLY D 12 -36.25 -12.06 -2.96
C GLY D 12 -37.63 -11.42 -3.09
N ALA D 13 -37.70 -10.22 -3.65
CA ALA D 13 -38.97 -9.75 -4.21
C ALA D 13 -39.17 -10.33 -5.60
N GLY D 14 -38.23 -11.14 -6.05
CA GLY D 14 -38.32 -11.81 -7.34
C GLY D 14 -37.77 -10.92 -8.44
N LYS D 15 -36.88 -10.00 -8.07
CA LYS D 15 -36.44 -8.92 -8.95
C LYS D 15 -35.61 -9.49 -10.11
N SER D 16 -34.59 -10.28 -9.77
CA SER D 16 -33.72 -10.96 -10.73
C SER D 16 -34.50 -11.90 -11.65
N THR D 17 -35.40 -12.69 -11.07
CA THR D 17 -36.23 -13.64 -11.84
C THR D 17 -37.03 -12.88 -12.90
N ASN D 18 -37.61 -11.74 -12.52
CA ASN D 18 -38.44 -10.96 -13.43
C ASN D 18 -37.64 -10.19 -14.45
N ARG D 19 -36.41 -9.81 -14.09
CA ARG D 19 -35.51 -9.20 -15.04
C ARG D 19 -35.16 -10.17 -16.15
N ASP D 20 -34.83 -11.39 -15.77
CA ASP D 20 -34.64 -12.47 -16.72
C ASP D 20 -35.86 -12.68 -17.63
N TYR D 21 -37.03 -12.69 -17.02
CA TYR D 21 -38.31 -12.91 -17.77
C TYR D 21 -38.45 -11.79 -18.81
N LEU D 22 -38.25 -10.56 -18.38
CA LEU D 22 -38.30 -9.40 -19.24
C LEU D 22 -37.23 -9.45 -20.36
N ALA D 23 -36.01 -9.80 -19.99
CA ALA D 23 -34.93 -9.85 -20.98
C ALA D 23 -35.24 -10.87 -22.10
N GLU D 24 -35.77 -12.03 -21.71
CA GLU D 24 -36.21 -13.07 -22.65
C GLU D 24 -37.26 -12.57 -23.63
N ARG D 25 -38.30 -11.90 -23.12
CA ARG D 25 -39.32 -11.26 -23.99
C ARG D 25 -38.70 -10.28 -24.99
N LEU D 26 -37.72 -9.54 -24.54
CA LEU D 26 -37.07 -8.58 -25.42
C LEU D 26 -36.13 -9.28 -26.41
N ARG D 27 -35.37 -10.26 -25.96
CA ARG D 27 -34.39 -10.83 -26.84
C ARG D 27 -35.06 -11.68 -27.92
N GLU D 28 -36.24 -12.26 -27.63
CA GLU D 28 -36.95 -13.01 -28.67
C GLU D 28 -37.60 -12.07 -29.70
N ARG D 29 -37.61 -10.76 -29.43
CA ARG D 29 -37.96 -9.79 -30.47
C ARG D 29 -36.77 -9.11 -31.18
N GLY D 30 -35.59 -9.69 -31.05
CA GLY D 30 -34.41 -9.17 -31.73
C GLY D 30 -33.82 -7.94 -31.04
N ILE D 31 -34.22 -7.69 -29.79
CA ILE D 31 -33.67 -6.53 -29.08
C ILE D 31 -32.45 -6.96 -28.24
N GLU D 32 -31.36 -6.22 -28.39
CA GLU D 32 -30.20 -6.45 -27.52
C GLU D 32 -30.51 -5.97 -26.10
N VAL D 33 -30.14 -6.79 -25.12
CA VAL D 33 -30.38 -6.47 -23.71
C VAL D 33 -29.06 -6.44 -22.99
N GLN D 34 -28.81 -5.31 -22.32
CA GLN D 34 -27.69 -5.20 -21.40
C GLN D 34 -28.19 -5.32 -19.94
N LEU D 35 -27.85 -6.41 -19.28
CA LEU D 35 -28.06 -6.55 -17.83
C LEU D 35 -26.93 -5.87 -17.05
N THR D 36 -27.29 -5.11 -16.04
CA THR D 36 -26.29 -4.47 -15.19
C THR D 36 -26.89 -4.20 -13.79
N ARG D 37 -26.08 -3.69 -12.86
CA ARG D 37 -26.52 -3.47 -11.51
C ARG D 37 -25.65 -2.37 -10.87
N GLU D 38 -26.19 -1.76 -9.81
CA GLU D 38 -25.53 -0.69 -9.05
C GLU D 38 -25.63 -0.97 -7.54
N PRO D 39 -24.64 -0.49 -6.74
CA PRO D 39 -23.33 0.04 -7.22
C PRO D 39 -22.62 -1.11 -7.97
N GLY D 40 -22.03 -0.82 -9.13
CA GLY D 40 -21.00 -1.62 -9.74
C GLY D 40 -21.28 -1.59 -11.24
N GLY D 41 -21.01 -2.70 -11.93
CA GLY D 41 -21.27 -2.78 -13.39
C GLY D 41 -20.04 -2.55 -14.26
N THR D 42 -18.95 -2.09 -13.65
CA THR D 42 -17.64 -2.03 -14.33
C THR D 42 -16.58 -2.46 -13.34
N PRO D 43 -15.37 -2.85 -13.81
CA PRO D 43 -14.43 -3.34 -12.79
C PRO D 43 -14.24 -2.30 -11.68
N LEU D 44 -14.08 -1.03 -12.05
CA LEU D 44 -13.92 0.00 -10.99
C LEU D 44 -15.17 0.25 -10.13
N ALA D 45 -16.33 0.26 -10.74
CA ALA D 45 -17.55 0.50 -9.98
C ALA D 45 -17.80 -0.66 -9.01
N GLU D 46 -17.33 -1.87 -9.37
CA GLU D 46 -17.41 -3.05 -8.50
C GLU D 46 -16.46 -2.94 -7.35
N ARG D 47 -15.27 -2.34 -7.57
CA ARG D 47 -14.39 -1.96 -6.43
C ARG D 47 -15.14 -1.05 -5.48
N ILE D 48 -15.90 -0.10 -6.04
CA ILE D 48 -16.46 0.92 -5.18
C ILE D 48 -17.69 0.29 -4.45
N ARG D 49 -18.46 -0.55 -5.14
CA ARG D 49 -19.33 -1.52 -4.48
C ARG D 49 -18.78 -2.20 -3.23
N GLU D 50 -17.59 -2.76 -3.34
CA GLU D 50 -17.08 -3.60 -2.26
C GLU D 50 -16.75 -2.67 -1.09
N LEU D 51 -16.22 -1.51 -1.44
CA LEU D 51 -15.99 -0.46 -0.46
C LEU D 51 -17.28 -0.15 0.33
N LEU D 52 -18.36 0.07 -0.41
CA LEU D 52 -19.68 0.39 0.18
C LEU D 52 -20.35 -0.75 1.02
N LEU D 53 -20.21 -1.99 0.60
CA LEU D 53 -20.96 -3.13 1.18
C LEU D 53 -20.17 -3.91 2.23
N ALA D 54 -18.85 -3.96 2.10
CA ALA D 54 -18.05 -4.71 3.09
C ALA D 54 -18.16 -4.09 4.51
N PRO D 55 -18.50 -4.89 5.51
CA PRO D 55 -18.44 -4.29 6.85
C PRO D 55 -17.01 -3.89 7.27
N SER D 56 -16.89 -2.73 7.93
CA SER D 56 -15.64 -2.28 8.52
C SER D 56 -15.78 -1.82 9.98
N ASP D 57 -14.66 -1.88 10.69
CA ASP D 57 -14.55 -1.34 12.05
C ASP D 57 -14.62 0.18 12.08
N GLU D 58 -14.15 0.83 11.01
CA GLU D 58 -14.34 2.28 10.83
C GLU D 58 -15.71 2.59 10.23
N PRO D 59 -16.53 3.33 10.97
CA PRO D 59 -17.86 3.71 10.53
C PRO D 59 -17.76 4.61 9.28
N MET D 60 -18.47 4.28 8.22
CA MET D 60 -18.43 5.16 7.02
C MET D 60 -19.35 6.38 7.16
N ALA D 61 -18.81 7.59 7.01
CA ALA D 61 -19.65 8.83 7.10
C ALA D 61 -20.77 8.75 6.07
N ALA D 62 -21.96 9.24 6.42
CA ALA D 62 -23.06 9.27 5.46
C ALA D 62 -22.69 10.02 4.14
N ASP D 63 -22.01 11.17 4.23
CA ASP D 63 -21.62 11.90 3.04
C ASP D 63 -20.69 11.07 2.13
N THR D 64 -19.75 10.35 2.75
CA THR D 64 -18.88 9.45 2.04
C THR D 64 -19.66 8.37 1.27
N GLU D 65 -20.61 7.76 1.97
CA GLU D 65 -21.45 6.73 1.35
C GLU D 65 -22.19 7.28 0.15
N LEU D 66 -22.77 8.47 0.27
CA LEU D 66 -23.48 9.10 -0.85
C LEU D 66 -22.57 9.48 -2.02
N LEU D 67 -21.41 10.06 -1.71
CA LEU D 67 -20.46 10.37 -2.75
C LEU D 67 -19.90 9.12 -3.49
N LEU D 68 -19.63 8.04 -2.76
CA LEU D 68 -19.21 6.78 -3.39
C LEU D 68 -20.32 6.21 -4.25
N MET D 69 -21.56 6.30 -3.78
CA MET D 69 -22.69 5.81 -4.58
C MET D 69 -22.67 6.53 -5.95
N PHE D 70 -22.52 7.86 -5.92
CA PHE D 70 -22.52 8.64 -7.14
C PHE D 70 -21.24 8.50 -7.97
N ALA D 71 -20.09 8.31 -7.30
CA ALA D 71 -18.82 8.00 -8.05
C ALA D 71 -18.96 6.69 -8.84
N ALA D 72 -19.55 5.66 -8.24
CA ALA D 72 -19.72 4.40 -9.01
C ALA D 72 -20.74 4.63 -10.12
N ARG D 73 -21.76 5.43 -9.86
CA ARG D 73 -22.77 5.71 -10.86
C ARG D 73 -22.14 6.41 -12.09
N ALA D 74 -21.29 7.40 -11.85
CA ALA D 74 -20.61 8.15 -12.91
C ALA D 74 -19.76 7.23 -13.85
N GLN D 75 -18.99 6.32 -13.27
CA GLN D 75 -18.20 5.32 -13.99
C GLN D 75 -19.06 4.36 -14.80
N HIS D 76 -20.12 3.86 -14.18
CA HIS D 76 -21.04 2.89 -14.82
C HIS D 76 -21.80 3.56 -15.96
N LEU D 77 -22.18 4.80 -15.79
CA LEU D 77 -22.81 5.57 -16.88
C LEU D 77 -21.91 5.67 -18.14
N ALA D 78 -20.63 6.02 -17.96
CA ALA D 78 -19.66 6.09 -19.07
C ALA D 78 -19.27 4.74 -19.67
N GLY D 79 -19.12 3.74 -18.79
CA GLY D 79 -18.63 2.43 -19.21
C GLY D 79 -19.70 1.53 -19.79
N VAL D 80 -20.93 1.66 -19.32
CA VAL D 80 -21.96 0.68 -19.66
C VAL D 80 -23.23 1.32 -20.20
N ILE D 81 -23.82 2.20 -19.40
CA ILE D 81 -25.16 2.66 -19.70
C ILE D 81 -25.22 3.50 -20.99
N ARG D 82 -24.42 4.56 -21.08
CA ARG D 82 -24.46 5.39 -22.29
C ARG D 82 -24.06 4.64 -23.57
N PRO D 83 -22.97 3.85 -23.54
CA PRO D 83 -22.72 3.02 -24.71
C PRO D 83 -23.86 2.07 -25.14
N ALA D 84 -24.55 1.46 -24.17
CA ALA D 84 -25.63 0.51 -24.46
C ALA D 84 -26.77 1.22 -25.15
N LEU D 85 -27.13 2.39 -24.63
CA LEU D 85 -28.17 3.23 -25.23
C LEU D 85 -27.79 3.73 -26.64
N ALA D 86 -26.56 4.20 -26.81
CA ALA D 86 -26.01 4.55 -28.15
C ALA D 86 -26.04 3.38 -29.18
N ARG D 87 -26.10 2.18 -28.66
CA ARG D 87 -26.13 0.95 -29.47
C ARG D 87 -27.61 0.56 -29.81
N GLY D 88 -28.58 1.34 -29.33
CA GLY D 88 -29.99 0.94 -29.31
C GLY D 88 -30.38 -0.24 -28.41
N ALA D 89 -29.55 -0.60 -27.45
CA ALA D 89 -29.86 -1.72 -26.58
C ALA D 89 -30.89 -1.33 -25.47
N VAL D 90 -31.53 -2.30 -24.86
CA VAL D 90 -32.32 -1.99 -23.68
C VAL D 90 -31.39 -2.32 -22.51
N VAL D 91 -31.15 -1.33 -21.64
CA VAL D 91 -30.50 -1.57 -20.33
C VAL D 91 -31.55 -1.98 -19.29
N LEU D 92 -31.36 -3.13 -18.66
CA LEU D 92 -32.11 -3.53 -17.48
C LEU D 92 -31.17 -3.49 -16.28
N CYS D 93 -31.31 -2.43 -15.50
CA CYS D 93 -30.33 -2.12 -14.48
C CYS D 93 -30.95 -2.33 -13.10
N ASP D 94 -30.33 -3.19 -12.32
CA ASP D 94 -30.80 -3.48 -10.94
C ASP D 94 -30.35 -2.39 -9.99
N ARG D 95 -31.24 -1.42 -9.74
CA ARG D 95 -31.07 -0.26 -8.84
C ARG D 95 -30.34 0.88 -9.48
N PHE D 96 -30.75 2.09 -9.11
CA PHE D 96 -30.14 3.29 -9.70
C PHE D 96 -30.47 4.44 -8.73
N THR D 97 -30.60 5.65 -9.24
CA THR D 97 -30.68 6.81 -8.35
C THR D 97 -31.89 6.78 -7.40
N ASP D 98 -32.98 6.13 -7.82
CA ASP D 98 -34.11 5.90 -6.92
C ASP D 98 -33.70 5.23 -5.61
N ALA D 99 -32.78 4.25 -5.72
CA ALA D 99 -32.17 3.59 -4.56
C ALA D 99 -31.43 4.55 -3.65
N THR D 100 -30.78 5.53 -4.23
CA THR D 100 -30.08 6.52 -3.45
C THR D 100 -31.07 7.39 -2.68
N TYR D 101 -32.12 7.88 -3.36
CA TYR D 101 -33.22 8.49 -2.65
C TYR D 101 -33.82 7.65 -1.52
N ALA D 102 -34.00 6.35 -1.78
CA ALA D 102 -34.63 5.46 -0.82
C ALA D 102 -33.65 5.20 0.33
N TYR D 103 -32.44 4.77 0.02
CA TYR D 103 -31.47 4.35 1.06
C TYR D 103 -30.74 5.50 1.74
N GLN D 104 -30.12 6.34 0.92
CA GLN D 104 -29.36 7.49 1.46
C GLN D 104 -30.27 8.61 1.96
N GLY D 105 -31.44 8.78 1.33
CA GLY D 105 -32.40 9.84 1.77
C GLY D 105 -33.31 9.27 2.85
N GLY D 106 -34.20 8.38 2.46
CA GLY D 106 -35.19 7.84 3.42
C GLY D 106 -34.60 7.15 4.65
N GLY D 107 -33.70 6.20 4.42
CA GLY D 107 -33.19 5.37 5.52
C GLY D 107 -32.09 6.08 6.32
N ARG D 108 -31.12 6.66 5.63
CA ARG D 108 -30.01 7.39 6.26
C ARG D 108 -30.39 8.82 6.69
N GLY D 109 -31.40 9.38 6.03
CA GLY D 109 -31.92 10.68 6.42
C GLY D 109 -31.19 11.84 5.77
N LEU D 110 -30.27 11.56 4.83
CA LEU D 110 -29.64 12.69 4.14
C LEU D 110 -30.73 13.53 3.43
N PRO D 111 -30.49 14.86 3.33
CA PRO D 111 -31.53 15.67 2.67
C PRO D 111 -31.74 15.23 1.20
N GLU D 112 -32.99 15.11 0.79
CA GLU D 112 -33.29 14.95 -0.62
C GLU D 112 -32.56 15.93 -1.57
N ALA D 113 -32.53 17.22 -1.23
CA ALA D 113 -31.79 18.24 -2.03
C ALA D 113 -30.34 17.85 -2.31
N ARG D 114 -29.67 17.20 -1.36
CA ARG D 114 -28.27 16.84 -1.58
C ARG D 114 -28.15 15.74 -2.61
N ILE D 115 -29.10 14.80 -2.55
CA ILE D 115 -29.14 13.76 -3.54
C ILE D 115 -29.45 14.32 -4.91
N ALA D 116 -30.42 15.24 -4.97
CA ALA D 116 -30.85 15.87 -6.25
C ALA D 116 -29.70 16.58 -6.90
N ALA D 117 -28.88 17.25 -6.11
CA ALA D 117 -27.74 18.01 -6.65
C ALA D 117 -26.67 17.12 -7.34
N LEU D 118 -26.33 15.99 -6.71
CA LEU D 118 -25.45 14.99 -7.28
C LEU D 118 -26.04 14.27 -8.47
N GLU D 119 -27.33 13.93 -8.39
CA GLU D 119 -28.06 13.36 -9.54
C GLU D 119 -27.86 14.17 -10.84
N SER D 120 -28.12 15.47 -10.78
CA SER D 120 -27.98 16.39 -11.92
C SER D 120 -26.51 16.53 -12.35
N PHE D 121 -25.62 16.74 -11.40
CA PHE D 121 -24.21 16.73 -11.75
C PHE D 121 -23.78 15.48 -12.52
N VAL D 122 -24.08 14.31 -11.97
CA VAL D 122 -23.59 13.06 -12.55
C VAL D 122 -24.28 12.74 -13.88
N GLN D 123 -25.60 12.93 -13.91
CA GLN D 123 -26.39 12.38 -15.03
C GLN D 123 -26.72 13.36 -16.15
N GLY D 124 -26.50 14.65 -15.90
CA GLY D 124 -27.10 15.69 -16.75
C GLY D 124 -28.59 15.44 -16.82
N ASP D 125 -29.10 15.29 -18.04
CA ASP D 125 -30.54 15.15 -18.20
C ASP D 125 -31.00 13.70 -18.23
N LEU D 126 -30.05 12.77 -18.12
CA LEU D 126 -30.40 11.37 -18.37
C LEU D 126 -31.17 10.85 -17.15
N ARG D 127 -32.36 10.31 -17.39
CA ARG D 127 -33.20 9.64 -16.33
C ARG D 127 -33.69 8.32 -16.91
N PRO D 128 -34.00 7.31 -16.07
CA PRO D 128 -34.55 6.05 -16.62
C PRO D 128 -35.81 6.34 -17.43
N ASP D 129 -36.04 5.53 -18.46
CA ASP D 129 -37.22 5.69 -19.27
C ASP D 129 -38.41 5.09 -18.51
N LEU D 130 -38.13 4.01 -17.80
CA LEU D 130 -39.13 3.36 -17.00
C LEU D 130 -38.47 2.73 -15.79
N THR D 131 -39.11 2.84 -14.64
CA THR D 131 -38.63 2.24 -13.41
C THR D 131 -39.65 1.27 -12.80
N LEU D 132 -39.22 0.03 -12.62
CA LEU D 132 -40.08 -0.97 -12.01
C LEU D 132 -39.78 -1.07 -10.52
N VAL D 133 -40.80 -0.86 -9.69
CA VAL D 133 -40.68 -0.94 -8.26
C VAL D 133 -41.35 -2.19 -7.78
N PHE D 134 -40.54 -3.09 -7.24
CA PHE D 134 -41.03 -4.32 -6.62
C PHE D 134 -41.31 -4.04 -5.16
N ASP D 135 -42.59 -3.86 -4.88
CA ASP D 135 -43.07 -3.53 -3.56
C ASP D 135 -43.42 -4.76 -2.74
N LEU D 136 -42.99 -4.76 -1.49
CA LEU D 136 -43.07 -5.95 -0.62
C LEU D 136 -43.10 -5.49 0.85
N PRO D 137 -43.95 -6.07 1.73
CA PRO D 137 -43.87 -5.72 3.17
C PRO D 137 -42.45 -5.89 3.68
N VAL D 138 -42.01 -4.99 4.52
CA VAL D 138 -40.63 -5.08 5.01
C VAL D 138 -40.30 -6.41 5.67
N GLU D 139 -41.22 -6.99 6.44
CA GLU D 139 -40.87 -8.24 7.13
C GLU D 139 -40.38 -9.29 6.14
N ILE D 140 -41.02 -9.38 4.99
CA ILE D 140 -40.72 -10.46 4.05
C ILE D 140 -39.35 -10.20 3.43
N GLY D 141 -39.14 -8.96 3.01
CA GLY D 141 -37.80 -8.47 2.70
C GLY D 141 -36.69 -8.84 3.69
N LEU D 142 -36.90 -8.57 4.99
CA LEU D 142 -35.87 -8.80 6.03
C LEU D 142 -35.65 -10.31 6.26
N ALA D 143 -36.72 -11.07 6.40
CA ALA D 143 -36.63 -12.54 6.55
C ALA D 143 -35.82 -13.14 5.40
N ARG D 144 -36.11 -12.70 4.18
CA ARG D 144 -35.47 -13.32 3.01
C ARG D 144 -34.02 -12.89 2.88
N ALA D 145 -33.72 -11.66 3.32
CA ALA D 145 -32.34 -11.19 3.43
C ALA D 145 -31.54 -11.98 4.47
N ALA D 146 -32.12 -12.16 5.65
CA ALA D 146 -31.46 -12.97 6.68
C ALA D 146 -31.12 -14.39 6.16
N ALA D 147 -32.09 -15.02 5.46
CA ALA D 147 -31.89 -16.32 4.81
C ALA D 147 -30.80 -16.36 3.71
N ARG D 148 -30.59 -15.26 2.99
CA ARG D 148 -29.57 -15.19 1.92
C ARG D 148 -28.15 -15.02 2.45
N GLY D 149 -27.99 -14.31 3.57
CA GLY D 149 -26.68 -14.13 4.20
C GLY D 149 -25.60 -13.49 3.33
N ARG D 150 -25.99 -12.56 2.46
CA ARG D 150 -25.02 -11.73 1.73
C ARG D 150 -24.16 -10.83 2.67
N LEU D 151 -22.95 -10.48 2.24
CA LEU D 151 -22.13 -9.53 2.95
C LEU D 151 -22.48 -8.16 2.38
N ASP D 152 -23.38 -7.44 3.07
CA ASP D 152 -23.91 -6.17 2.62
C ASP D 152 -24.19 -5.35 3.89
N ARG D 153 -23.35 -4.36 4.13
CA ARG D 153 -23.53 -3.44 5.26
C ARG D 153 -24.99 -2.95 5.33
N PHE D 154 -25.67 -2.83 4.19
CA PHE D 154 -26.99 -2.18 4.18
C PHE D 154 -28.06 -3.04 4.82
N GLU D 155 -27.83 -4.34 4.73
CA GLU D 155 -28.81 -5.33 5.14
C GLU D 155 -28.76 -5.61 6.62
N GLN D 156 -28.01 -4.77 7.33
CA GLN D 156 -27.93 -4.80 8.76
C GLN D 156 -28.59 -3.57 9.35
N GLU D 157 -29.17 -2.73 8.49
CA GLU D 157 -29.82 -1.50 8.97
C GLU D 157 -31.15 -1.91 9.58
N ASP D 158 -31.71 -1.01 10.39
CA ASP D 158 -32.77 -1.35 11.32
C ASP D 158 -34.10 -1.42 10.54
N ARG D 159 -35.14 -1.92 11.19
CA ARG D 159 -36.43 -2.15 10.53
C ARG D 159 -37.00 -0.82 10.04
N ARG D 160 -36.84 0.22 10.84
CA ARG D 160 -37.42 1.51 10.49
C ARG D 160 -36.74 2.05 9.22
N PHE D 161 -35.44 1.77 9.11
CA PHE D 161 -34.62 2.18 7.93
C PHE D 161 -35.19 1.55 6.67
N PHE D 162 -35.45 0.25 6.73
CA PHE D 162 -36.21 -0.40 5.64
C PHE D 162 -37.68 0.00 5.34
N GLU D 163 -38.46 0.31 6.37
CA GLU D 163 -39.77 0.96 6.18
C GLU D 163 -39.66 2.28 5.38
N ALA D 164 -38.65 3.07 5.74
CA ALA D 164 -38.32 4.33 5.03
C ALA D 164 -37.96 4.09 3.56
N VAL D 165 -37.12 3.09 3.31
CA VAL D 165 -36.76 2.69 1.96
C VAL D 165 -38.02 2.33 1.13
N ARG D 166 -38.82 1.41 1.66
CA ARG D 166 -40.04 1.04 1.03
C ARG D 166 -40.94 2.23 0.67
N GLN D 167 -41.24 3.08 1.66
CA GLN D 167 -42.14 4.21 1.47
C GLN D 167 -41.56 5.23 0.48
N THR D 168 -40.24 5.39 0.49
CA THR D 168 -39.62 6.38 -0.39
C THR D 168 -39.86 6.00 -1.85
N TYR D 169 -39.68 4.72 -2.20
CA TYR D 169 -39.96 4.27 -3.55
C TYR D 169 -41.41 4.52 -3.98
N LEU D 170 -42.37 4.19 -3.10
CA LEU D 170 -43.77 4.48 -3.38
C LEU D 170 -44.07 5.96 -3.58
N GLN D 171 -43.49 6.81 -2.73
CA GLN D 171 -43.65 8.25 -2.83
C GLN D 171 -43.03 8.83 -4.12
N ARG D 172 -41.87 8.34 -4.51
CA ARG D 172 -41.29 8.78 -5.79
C ARG D 172 -42.12 8.34 -7.00
N ALA D 173 -42.50 7.07 -7.06
CA ALA D 173 -43.38 6.59 -8.14
C ALA D 173 -44.64 7.46 -8.26
N ALA D 174 -45.37 7.61 -7.16
CA ALA D 174 -46.59 8.47 -7.16
C ALA D 174 -46.40 9.93 -7.66
N GLN D 175 -45.23 10.50 -7.44
CA GLN D 175 -44.97 11.86 -7.93
C GLN D 175 -44.60 11.99 -9.44
N ALA D 176 -44.11 10.93 -10.06
CA ALA D 176 -43.85 10.92 -11.50
C ALA D 176 -44.38 9.62 -12.12
N PRO D 177 -45.72 9.45 -12.13
CA PRO D 177 -46.28 8.14 -12.43
C PRO D 177 -46.12 7.67 -13.87
N GLU D 178 -45.82 8.57 -14.81
CA GLU D 178 -45.53 8.21 -16.20
C GLU D 178 -44.24 7.38 -16.27
N ARG D 179 -43.33 7.59 -15.33
CA ARG D 179 -42.00 6.98 -15.37
C ARG D 179 -41.91 5.66 -14.57
N TYR D 180 -42.89 5.38 -13.68
CA TYR D 180 -42.83 4.19 -12.81
C TYR D 180 -43.96 3.18 -13.05
N GLN D 181 -43.66 1.93 -12.79
CA GLN D 181 -44.66 0.93 -12.53
C GLN D 181 -44.34 0.27 -11.20
N VAL D 182 -45.30 0.34 -10.29
CA VAL D 182 -45.25 -0.35 -9.01
C VAL D 182 -45.84 -1.77 -9.14
N LEU D 183 -45.05 -2.79 -8.81
CA LEU D 183 -45.52 -4.16 -8.88
C LEU D 183 -45.71 -4.70 -7.47
N ASP D 184 -46.84 -5.35 -7.21
CA ASP D 184 -47.02 -6.06 -5.94
C ASP D 184 -46.25 -7.39 -5.91
N ALA D 185 -45.06 -7.38 -5.32
CA ALA D 185 -44.18 -8.54 -5.40
C ALA D 185 -44.62 -9.61 -4.40
N GLY D 186 -45.66 -9.32 -3.63
CA GLY D 186 -46.35 -10.35 -2.84
C GLY D 186 -47.20 -11.31 -3.66
N LEU D 187 -47.56 -10.93 -4.89
CA LEU D 187 -48.29 -11.83 -5.80
C LEU D 187 -47.45 -13.02 -6.29
N PRO D 188 -48.13 -14.09 -6.75
CA PRO D 188 -47.39 -15.17 -7.42
C PRO D 188 -46.70 -14.63 -8.65
N LEU D 189 -45.57 -15.23 -9.03
CA LEU D 189 -44.80 -14.72 -10.15
C LEU D 189 -45.64 -14.64 -11.41
N ALA D 190 -46.58 -15.58 -11.58
CA ALA D 190 -47.44 -15.61 -12.74
C ALA D 190 -48.21 -14.30 -12.89
N GLU D 191 -48.74 -13.78 -11.79
CA GLU D 191 -49.51 -12.52 -11.87
C GLU D 191 -48.56 -11.30 -12.05
N VAL D 192 -47.40 -11.32 -11.37
CA VAL D 192 -46.38 -10.33 -11.66
C VAL D 192 -45.93 -10.33 -13.13
N GLN D 193 -45.69 -11.51 -13.70
CA GLN D 193 -45.20 -11.58 -15.06
C GLN D 193 -46.24 -11.20 -16.08
N ALA D 194 -47.50 -11.46 -15.76
CA ALA D 194 -48.65 -10.92 -16.51
C ALA D 194 -48.65 -9.39 -16.60
N GLY D 195 -48.44 -8.72 -15.46
CA GLY D 195 -48.24 -7.28 -15.43
C GLY D 195 -47.06 -6.85 -16.28
N LEU D 196 -45.96 -7.61 -16.28
CA LEU D 196 -44.84 -7.27 -17.15
C LEU D 196 -45.21 -7.41 -18.65
N ASP D 197 -45.90 -8.50 -18.97
CA ASP D 197 -46.48 -8.66 -20.31
C ASP D 197 -47.28 -7.45 -20.73
N ARG D 198 -48.08 -6.90 -19.81
CA ARG D 198 -48.95 -5.78 -20.16
C ARG D 198 -48.16 -4.48 -20.41
N LEU D 199 -46.93 -4.41 -19.91
CA LEU D 199 -46.07 -3.21 -20.04
C LEU D 199 -45.23 -3.22 -21.31
N LEU D 200 -45.01 -4.42 -21.85
CA LEU D 200 -44.21 -4.63 -23.03
C LEU D 200 -44.53 -3.76 -24.25
N PRO D 201 -45.83 -3.63 -24.57
CA PRO D 201 -46.23 -2.81 -25.70
C PRO D 201 -45.75 -1.36 -25.55
N ASN D 202 -46.06 -0.73 -24.42
CA ASN D 202 -45.59 0.64 -24.13
C ASN D 202 -44.07 0.78 -24.15
N LEU D 203 -43.36 -0.25 -23.69
CA LEU D 203 -41.91 -0.30 -23.73
C LEU D 203 -41.35 -0.38 -25.15
N LEU D 204 -41.92 -1.27 -25.98
CA LEU D 204 -41.54 -1.38 -27.39
C LEU D 204 -41.85 -0.14 -28.20
MG MG E . 4.12 -37.99 11.83
MG MG F . -1.28 -30.35 0.47
O4 0DN G . 6.84 -28.97 3.73
C6 0DN G . 6.97 -28.00 2.94
N2 0DN G . 8.05 -27.19 2.98
C7 0DN G . 8.19 -26.18 2.10
O3 0DN G . 9.20 -25.43 2.13
C8 0DN G . 7.12 -25.91 1.10
C10 0DN G . 7.20 -24.80 0.08
C9 0DN G . 6.03 -26.75 1.10
N1 0DN G . 5.93 -27.75 2.00
C4 0DN G . 4.78 -28.66 1.99
C3 0DN G . 3.38 -28.08 2.26
C2 0DN G . 2.48 -28.94 1.38
O2 0DN G . 2.02 -30.07 2.16
O1 0DN G . 4.74 -29.23 0.70
C1 0DN G . 3.41 -29.48 0.29
C5 0DN G . 3.21 -28.89 -1.11
F1 0DN G . 3.16 -27.52 -1.04
O4 0DN H . 38.31 -4.77 8.08
C6 0DN H . 37.20 -4.37 8.47
N2 0DN H . 36.12 -5.18 8.37
C7 0DN H . 34.94 -4.78 8.87
O3 0DN H . 33.93 -5.52 8.84
C8 0DN H . 34.80 -3.43 9.49
C10 0DN H . 33.45 -2.99 10.03
C9 0DN H . 35.93 -2.64 9.56
N1 0DN H . 37.09 -3.07 9.03
C4 0DN H . 38.27 -2.24 9.09
C3 0DN H . 38.09 -0.84 8.40
C2 0DN H . 39.05 0.02 9.25
O2 0DN H . 40.40 -0.05 8.72
O1 0DN H . 38.56 -1.97 10.45
C1 0DN H . 39.14 -0.67 10.62
C5 0DN H . 38.39 0.06 11.72
F1 0DN H . 37.10 0.33 11.29
MG MG I . -2.89 13.38 -19.84
MG MG J . 2.71 11.57 -6.24
O4 0DN K . -5.53 14.96 -7.87
C6 0DN K . -5.56 15.18 -6.65
N2 0DN K . -6.64 15.83 -6.17
C7 0DN K . -6.75 16.01 -4.84
O3 0DN K . -7.76 16.61 -4.38
C8 0DN K . -5.67 15.56 -3.93
C10 0DN K . -5.81 15.77 -2.44
C9 0DN K . -4.60 14.89 -4.47
N1 0DN K . -4.51 14.72 -5.80
C4 0DN K . -3.38 14.00 -6.36
C3 0DN K . -1.95 14.56 -6.15
C2 0DN K . -1.09 13.30 -6.11
O2 0DN K . -0.69 13.00 -7.46
O1 0DN K . -3.38 12.74 -5.73
C1 0DN K . -2.06 12.21 -5.67
C5 0DN K . -1.81 11.72 -4.26
F1 0DN K . -1.73 12.82 -3.47
O4 0DN L . -27.83 2.13 -0.62
C6 0DN L . -27.87 2.04 -1.86
N2 0DN L . -27.93 3.15 -2.62
C7 0DN L . -27.93 3.09 -3.96
O3 0DN L . -27.95 4.10 -4.71
C8 0DN L . -27.91 1.76 -4.60
C10 0DN L . -27.89 1.65 -6.13
C9 0DN L . -27.82 0.64 -3.80
N1 0DN L . -27.84 0.75 -2.47
C4 0DN L . -27.77 -0.44 -1.64
C3 0DN L . -28.94 -1.46 -1.81
C2 0DN L . -28.23 -2.78 -1.54
O2 0DN L . -28.27 -3.07 -0.13
O1 0DN L . -26.57 -1.13 -1.98
C1 0DN L . -26.74 -2.55 -1.84
C5 0DN L . -26.28 -3.25 -3.09
F1 0DN L . -27.08 -2.87 -4.15
#